data_3U9T
#
_entry.id   3U9T
#
_cell.length_a   158.930
_cell.length_b   158.930
_cell.length_c   311.970
_cell.angle_alpha   90.00
_cell.angle_beta   90.00
_cell.angle_gamma   120.00
#
_symmetry.space_group_name_H-M   'H 3 2'
#
loop_
_entity.id
_entity.type
_entity.pdbx_description
1 polymer 'Methylcrotonyl-CoA carboxylase, alpha-subunit'
2 polymer 'Methylcrotonyl-CoA carboxylase, beta-subunit'
#
loop_
_entity_poly.entity_id
_entity_poly.type
_entity_poly.pdbx_seq_one_letter_code
_entity_poly.pdbx_strand_id
1 'polypeptide(L)'
;MNPDYRSIQRLLVANRGEIACRVMRSARALGIGSVAVHSDIDRHARHVAEADIAVDLGGAKPADSYLRGDRIIAAALASG
AQAIHPGYGFLSENADFARACEEAGLLFLGPPAAAIDAMGSKSAAKALMEEAGVPLVPGYHGEAQDLETFRREAGRIGYP
VLLKAAAGGGGKGMKVVEREAELAEALSSAQREAKAAFGDARMLVEKYLLKPRHVEIQVFADRHGHCLYLNERDCSIQRR
HQKVVEEAPAPGLGAELRRAMGEAAVRAAQAIGYVGAGTVEFLLDERGQFFFMEMNTRLQVEHPVTEAITGLDLVAWQIR
VARGEALPLTQEQVPLNGHAIEVRLYAEDPEGDFLPASGRLMLYREAAAGPGRRVDSGVREGDEVSPFYDPMLAKLIAWG
ETREEARQRLLAMLAETSVGGLRTNLAFLRRILGHPAFAAAELDTGFIARHQDDLLPAPQALPEHFWQAAAEAWLQSEPG
HRRDDDPHSPWSRNDGWRSALARESDLMLRCRDERRCVRLRHASPSQYRLDGDDLVSRVDGVTRRSAALRRGRQLFLEWE
GELLAIEAVDPIAEAEAAHAHQGGLSAPMNGSIVRVLVEPGQTVEAGATLVVLEAMKMEHSIRAPHAGVVKALYCSEGEL
VEEGTPLVELDENQA
;
A
2 'polypeptide(L)'
;MGSSHHHHHHSSGLVPRGSHMAILHTQINPRSAEFAANAATMLEQVNALRTLLGRIHEGGGSAAQARHSARGKLLVRERI
NRLLDPGSPFLELSALAAHEVYGEEVAAAGIVAGIGRVEGVECMIVGNDATVKGGTYYPLTVKKHLRAQAIALENRLPCI
YLVDSGGANLPRQDEVFPDREHFGRIFFNQANMSARGIPQIAVVMGSCTAGGAYVPAMSDETVMVREQATIFLAGPPLVK
AATGEVVSAEELGGADVHCKVSGVADHYAEDDDHALAIARRCVANLNWRKQGQLQCRAPRAPLYPAEELYGVIPADSKQP
YDVREVIARLVDGSEFDEFKALFGTTLVCGFAHLHGYPIAILANNGILFAEAAQKGAHFIELACQRGIPLLFLQNITGFM
VGQKYEAGGIAKHGAKLVTAVACARVPKFTVLIGGSFGAGNYGMCGRAYDPRFLWMWPNARIGVMGGEQAAGVLAQVKRE
QAERAGQQLGVEEEAKIKAPILEQYEHQGHPYYSSARLWDDGVIDPAQTREVLALALSAALNAPIEPTAFGVFRM
;
B
#
# COMPACT_ATOMS: atom_id res chain seq x y z
N TYR A 5 56.08 -4.59 -11.32
CA TYR A 5 54.57 -4.66 -11.46
C TYR A 5 53.91 -5.85 -10.78
N ARG A 6 53.28 -5.68 -9.62
CA ARG A 6 52.58 -6.81 -8.99
C ARG A 6 51.22 -6.97 -9.77
N SER A 7 50.31 -7.84 -9.33
CA SER A 7 49.03 -8.02 -10.05
C SER A 7 48.01 -8.80 -9.24
N ILE A 8 46.86 -8.17 -9.00
CA ILE A 8 45.82 -8.79 -8.21
C ILE A 8 44.93 -9.79 -8.95
N GLN A 9 44.77 -10.98 -8.36
CA GLN A 9 43.94 -12.05 -8.89
C GLN A 9 42.62 -11.98 -8.14
N ARG A 10 42.71 -11.81 -6.84
CA ARG A 10 41.52 -11.68 -6.02
C ARG A 10 41.78 -10.50 -5.12
N LEU A 11 40.78 -9.63 -4.99
CA LEU A 11 40.89 -8.46 -4.14
C LEU A 11 40.00 -8.64 -2.93
N LEU A 12 40.55 -8.55 -1.73
CA LEU A 12 39.72 -8.67 -0.54
C LEU A 12 39.32 -7.26 -0.13
N VAL A 13 38.03 -7.09 0.12
CA VAL A 13 37.48 -5.82 0.54
C VAL A 13 37.17 -5.89 2.00
N ALA A 14 38.08 -5.37 2.83
CA ALA A 14 37.91 -5.38 4.28
C ALA A 14 36.96 -4.27 4.76
N ASN A 15 35.68 -4.44 4.47
CA ASN A 15 34.64 -3.49 4.84
C ASN A 15 33.24 -4.08 4.58
N ARG A 16 32.20 -3.27 4.66
CA ARG A 16 30.85 -3.78 4.43
C ARG A 16 29.94 -2.80 3.67
N GLY A 17 28.63 -2.91 3.90
CA GLY A 17 27.65 -2.03 3.27
C GLY A 17 27.85 -1.54 1.84
N GLU A 18 27.43 -0.31 1.59
CA GLU A 18 27.54 0.27 0.26
C GLU A 18 28.94 0.23 -0.32
N ILE A 19 29.90 0.74 0.42
CA ILE A 19 31.25 0.83 -0.10
C ILE A 19 31.82 -0.53 -0.54
N ALA A 20 31.47 -1.58 0.19
CA ALA A 20 31.96 -2.93 -0.12
C ALA A 20 31.43 -3.38 -1.49
N CYS A 21 30.13 -3.18 -1.69
CA CYS A 21 29.53 -3.52 -2.96
C CYS A 21 30.19 -2.66 -4.04
N ARG A 22 30.36 -1.38 -3.71
CA ARG A 22 31.00 -0.39 -4.60
C ARG A 22 32.36 -0.85 -5.14
N VAL A 23 33.29 -1.15 -4.25
CA VAL A 23 34.60 -1.59 -4.67
C VAL A 23 34.47 -2.91 -5.47
N MET A 24 33.72 -3.85 -4.92
CA MET A 24 33.48 -5.14 -5.56
C MET A 24 33.02 -4.99 -7.03
N ARG A 25 32.21 -3.99 -7.33
CA ARG A 25 31.75 -3.79 -8.70
C ARG A 25 32.92 -3.44 -9.66
N SER A 26 33.86 -2.64 -9.17
CA SER A 26 35.02 -2.23 -9.97
C SER A 26 35.94 -3.41 -10.19
N ALA A 27 36.16 -4.20 -9.14
CA ALA A 27 37.01 -5.39 -9.23
C ALA A 27 36.48 -6.21 -10.41
N ARG A 28 35.24 -6.66 -10.25
CA ARG A 28 34.52 -7.45 -11.23
C ARG A 28 34.68 -6.87 -12.65
N ALA A 29 34.68 -5.55 -12.74
CA ALA A 29 34.80 -4.87 -14.03
C ALA A 29 36.17 -5.10 -14.66
N LEU A 30 37.14 -5.55 -13.87
CA LEU A 30 38.45 -5.76 -14.42
C LEU A 30 38.77 -7.23 -14.57
N GLY A 31 37.85 -8.10 -14.14
CA GLY A 31 38.10 -9.53 -14.24
C GLY A 31 38.79 -10.00 -12.98
N ILE A 32 38.84 -9.11 -11.98
CA ILE A 32 39.45 -9.41 -10.69
C ILE A 32 38.45 -10.02 -9.70
N GLY A 33 38.78 -11.16 -9.11
CA GLY A 33 37.87 -11.79 -8.17
C GLY A 33 37.78 -11.01 -6.87
N SER A 34 36.63 -11.06 -6.21
CA SER A 34 36.45 -10.33 -4.97
C SER A 34 36.18 -11.20 -3.75
N VAL A 35 36.80 -10.84 -2.63
CA VAL A 35 36.62 -11.55 -1.37
C VAL A 35 36.03 -10.63 -0.30
N ALA A 36 34.95 -11.08 0.32
CA ALA A 36 34.32 -10.30 1.38
C ALA A 36 34.58 -10.92 2.75
N VAL A 37 34.33 -10.16 3.79
CA VAL A 37 34.50 -10.67 5.14
C VAL A 37 33.30 -10.10 5.87
N HIS A 38 32.80 -10.83 6.86
CA HIS A 38 31.62 -10.37 7.54
C HIS A 38 31.59 -10.71 9.00
N SER A 39 30.80 -9.95 9.73
CA SER A 39 30.58 -10.18 11.13
C SER A 39 29.51 -11.27 11.05
N ASP A 40 29.08 -11.80 12.19
CA ASP A 40 28.06 -12.84 12.20
C ASP A 40 26.71 -12.20 11.81
N ILE A 41 26.57 -10.92 12.10
CA ILE A 41 25.32 -10.25 11.79
C ILE A 41 25.14 -10.00 10.30
N ASP A 42 26.24 -9.77 9.61
CA ASP A 42 26.20 -9.54 8.17
C ASP A 42 26.41 -10.86 7.44
N ARG A 43 26.17 -11.98 8.10
CA ARG A 43 26.38 -13.27 7.47
C ARG A 43 25.52 -13.43 6.23
N HIS A 44 24.35 -12.78 6.23
CA HIS A 44 23.42 -12.86 5.11
C HIS A 44 23.22 -11.53 4.39
N ALA A 45 24.28 -10.73 4.39
CA ALA A 45 24.28 -9.41 3.77
C ALA A 45 24.48 -9.36 2.25
N ARG A 46 24.14 -8.21 1.68
CA ARG A 46 24.29 -8.04 0.26
C ARG A 46 25.73 -8.06 -0.19
N HIS A 47 26.62 -7.41 0.55
CA HIS A 47 28.02 -7.39 0.12
C HIS A 47 28.63 -8.78 0.18
N VAL A 48 28.14 -9.60 1.11
CA VAL A 48 28.65 -10.94 1.20
C VAL A 48 28.09 -11.70 0.01
N ALA A 49 26.84 -11.38 -0.34
CA ALA A 49 26.14 -12.03 -1.46
C ALA A 49 26.79 -11.76 -2.80
N GLU A 50 27.16 -10.51 -3.07
CA GLU A 50 27.75 -10.17 -4.35
C GLU A 50 29.24 -10.49 -4.37
N ALA A 51 29.70 -11.26 -3.39
CA ALA A 51 31.11 -11.58 -3.34
C ALA A 51 31.40 -12.97 -3.88
N ASP A 52 32.51 -13.08 -4.62
CA ASP A 52 32.92 -14.35 -5.16
C ASP A 52 33.26 -15.36 -4.05
N ILE A 53 33.78 -14.85 -2.94
CA ILE A 53 34.13 -15.65 -1.77
C ILE A 53 33.94 -14.73 -0.56
N ALA A 54 33.48 -15.29 0.55
CA ALA A 54 33.28 -14.50 1.76
C ALA A 54 33.95 -15.25 2.89
N VAL A 55 34.25 -14.54 3.98
CA VAL A 55 34.89 -15.18 5.13
C VAL A 55 34.35 -14.59 6.42
N ASP A 56 33.88 -15.46 7.29
CA ASP A 56 33.32 -15.06 8.58
C ASP A 56 34.42 -14.56 9.51
N LEU A 57 34.22 -13.35 10.04
CA LEU A 57 35.16 -12.73 10.96
C LEU A 57 34.53 -12.86 12.33
N GLY A 58 34.58 -11.77 13.09
CA GLY A 58 34.00 -11.76 14.43
C GLY A 58 32.51 -12.02 14.57
N GLY A 59 31.87 -11.21 15.41
CA GLY A 59 30.46 -11.40 15.68
C GLY A 59 29.54 -10.24 15.47
N ALA A 60 29.50 -9.27 16.39
CA ALA A 60 28.54 -8.18 16.23
C ALA A 60 29.08 -6.76 16.23
N LYS A 61 29.77 -6.38 17.30
CA LYS A 61 30.34 -5.04 17.41
C LYS A 61 31.54 -4.88 16.46
N PRO A 62 31.68 -3.71 15.81
CA PRO A 62 32.82 -3.53 14.91
C PRO A 62 34.14 -3.79 15.65
N ALA A 63 34.12 -3.48 16.94
CA ALA A 63 35.26 -3.65 17.82
C ALA A 63 35.89 -5.02 17.60
N ASP A 64 35.09 -6.07 17.71
CA ASP A 64 35.60 -7.41 17.51
C ASP A 64 34.99 -8.11 16.28
N SER A 65 34.99 -7.39 15.16
CA SER A 65 34.49 -7.92 13.89
C SER A 65 35.31 -7.34 12.73
N TYR A 66 34.86 -6.25 12.14
CA TYR A 66 35.57 -5.66 11.02
C TYR A 66 36.84 -4.92 11.43
N LEU A 67 37.03 -4.69 12.72
CA LEU A 67 38.23 -3.99 13.18
C LEU A 67 39.38 -4.93 13.48
N ARG A 68 39.10 -6.24 13.48
CA ARG A 68 40.08 -7.30 13.77
C ARG A 68 41.07 -7.58 12.62
N GLY A 69 42.04 -6.67 12.48
CA GLY A 69 43.04 -6.78 11.43
C GLY A 69 43.62 -8.16 11.20
N ASP A 70 44.16 -8.75 12.25
CA ASP A 70 44.78 -10.07 12.20
C ASP A 70 43.92 -11.11 11.48
N ARG A 71 42.62 -11.08 11.75
CA ARG A 71 41.69 -12.02 11.13
C ARG A 71 41.41 -11.65 9.68
N ILE A 72 41.32 -10.34 9.42
CA ILE A 72 41.06 -9.82 8.08
C ILE A 72 42.19 -10.17 7.13
N ILE A 73 43.41 -10.08 7.64
CA ILE A 73 44.58 -10.40 6.84
C ILE A 73 44.71 -11.93 6.73
N ALA A 74 44.27 -12.63 7.75
CA ALA A 74 44.30 -14.09 7.77
C ALA A 74 43.37 -14.57 6.68
N ALA A 75 42.17 -13.98 6.67
CA ALA A 75 41.14 -14.29 5.68
C ALA A 75 41.71 -14.13 4.30
N ALA A 76 42.34 -13.00 4.06
CA ALA A 76 42.93 -12.68 2.76
C ALA A 76 43.94 -13.75 2.32
N LEU A 77 44.78 -14.19 3.24
CA LEU A 77 45.78 -15.21 2.93
C LEU A 77 45.06 -16.51 2.58
N ALA A 78 44.10 -16.87 3.41
CA ALA A 78 43.34 -18.10 3.23
C ALA A 78 42.47 -18.12 1.98
N SER A 79 41.77 -17.03 1.70
CA SER A 79 40.89 -16.98 0.53
C SER A 79 41.63 -16.72 -0.78
N GLY A 80 42.94 -16.58 -0.68
CA GLY A 80 43.71 -16.36 -1.89
C GLY A 80 43.68 -14.96 -2.47
N ALA A 81 43.52 -13.95 -1.61
CA ALA A 81 43.49 -12.56 -2.07
C ALA A 81 44.93 -12.05 -2.14
N GLN A 82 45.28 -11.32 -3.20
CA GLN A 82 46.63 -10.79 -3.36
C GLN A 82 46.69 -9.31 -2.94
N ALA A 83 45.54 -8.76 -2.57
CA ALA A 83 45.47 -7.37 -2.16
C ALA A 83 44.30 -7.10 -1.22
N ILE A 84 44.33 -5.94 -0.56
CA ILE A 84 43.27 -5.56 0.34
C ILE A 84 42.88 -4.12 0.10
N HIS A 85 41.58 -3.89 0.06
CA HIS A 85 41.02 -2.58 -0.11
C HIS A 85 40.29 -2.41 1.18
N PRO A 86 40.54 -1.31 1.89
CA PRO A 86 39.79 -1.20 3.15
C PRO A 86 38.58 -0.29 3.07
N GLY A 87 38.34 0.30 1.90
CA GLY A 87 37.21 1.21 1.82
C GLY A 87 37.38 2.28 2.90
N TYR A 88 36.32 3.03 3.24
CA TYR A 88 36.44 4.06 4.26
C TYR A 88 35.98 3.57 5.63
N GLY A 89 36.30 4.30 6.69
CA GLY A 89 35.93 3.85 8.02
C GLY A 89 36.88 2.73 8.46
N PHE A 90 36.47 1.98 9.48
CA PHE A 90 37.23 0.86 10.04
C PHE A 90 38.74 1.01 10.10
N LEU A 91 39.44 0.15 9.38
CA LEU A 91 40.89 0.15 9.36
C LEU A 91 41.55 0.85 8.17
N SER A 92 40.80 1.61 7.39
CA SER A 92 41.36 2.28 6.21
C SER A 92 42.42 3.32 6.49
N GLU A 93 42.53 3.72 7.74
CA GLU A 93 43.51 4.73 8.13
C GLU A 93 44.20 4.47 9.46
N ASN A 94 45.13 3.53 9.45
CA ASN A 94 45.92 3.24 10.63
C ASN A 94 47.07 2.35 10.18
N ALA A 95 48.24 2.98 10.10
CA ALA A 95 49.45 2.31 9.65
C ALA A 95 49.64 0.93 10.25
N ASP A 96 49.18 0.72 11.48
CA ASP A 96 49.37 -0.58 12.07
C ASP A 96 48.85 -1.64 11.12
N PHE A 97 47.59 -1.51 10.72
CA PHE A 97 46.97 -2.44 9.79
C PHE A 97 47.64 -2.37 8.41
N ALA A 98 48.01 -1.17 7.97
CA ALA A 98 48.67 -1.03 6.67
C ALA A 98 50.02 -1.74 6.65
N ARG A 99 50.69 -1.75 7.79
CA ARG A 99 51.98 -2.41 7.91
C ARG A 99 51.77 -3.92 7.99
N ALA A 100 50.81 -4.35 8.80
CA ALA A 100 50.51 -5.77 8.95
C ALA A 100 50.22 -6.43 7.58
N CYS A 101 49.66 -5.66 6.65
CA CYS A 101 49.35 -6.16 5.30
C CYS A 101 50.64 -6.35 4.52
N GLU A 102 51.56 -5.40 4.75
CA GLU A 102 52.89 -5.41 4.16
C GLU A 102 53.56 -6.66 4.70
N GLU A 103 53.45 -6.86 6.02
CA GLU A 103 54.01 -8.04 6.68
C GLU A 103 53.02 -9.19 6.41
N ALA A 104 52.93 -9.55 5.13
CA ALA A 104 52.03 -10.60 4.66
C ALA A 104 52.12 -10.70 3.14
N GLY A 105 52.78 -9.71 2.51
CA GLY A 105 52.95 -9.72 1.08
C GLY A 105 51.74 -9.24 0.33
N LEU A 106 50.77 -8.75 1.09
CA LEU A 106 49.53 -8.25 0.53
C LEU A 106 49.63 -6.78 0.09
N LEU A 107 49.15 -6.48 -1.12
CA LEU A 107 49.14 -5.10 -1.58
C LEU A 107 48.03 -4.42 -0.78
N PHE A 108 48.20 -3.15 -0.45
CA PHE A 108 47.22 -2.44 0.34
C PHE A 108 46.79 -1.20 -0.42
N LEU A 109 45.66 -1.29 -1.12
CA LEU A 109 45.18 -0.14 -1.89
C LEU A 109 44.92 1.03 -0.95
N GLY A 110 46.00 1.68 -0.55
CA GLY A 110 45.94 2.83 0.33
C GLY A 110 47.27 3.55 0.32
N PRO A 111 47.42 4.62 1.13
CA PRO A 111 48.68 5.35 1.16
C PRO A 111 49.68 4.55 1.99
N PRO A 112 50.98 4.73 1.74
CA PRO A 112 51.95 3.97 2.53
C PRO A 112 51.81 4.32 4.03
N ALA A 113 51.80 3.31 4.88
CA ALA A 113 51.65 3.48 6.33
C ALA A 113 52.20 4.79 6.92
N ALA A 114 53.36 5.26 6.44
CA ALA A 114 53.96 6.48 6.94
C ALA A 114 52.94 7.64 6.95
N ALA A 115 52.57 8.09 5.76
CA ALA A 115 51.62 9.20 5.58
C ALA A 115 50.40 9.07 6.47
N ILE A 116 50.02 7.83 6.74
CA ILE A 116 48.87 7.58 7.56
C ILE A 116 48.99 8.14 8.98
N ASP A 117 49.83 7.55 9.84
CA ASP A 117 49.95 8.08 11.21
C ASP A 117 50.61 9.47 11.30
N ALA A 118 51.14 9.94 10.17
CA ALA A 118 51.78 11.25 10.10
C ALA A 118 50.66 12.28 10.04
N MET A 119 49.65 12.00 9.22
CA MET A 119 48.51 12.88 9.08
C MET A 119 47.51 12.59 10.19
N GLY A 120 47.76 11.51 10.93
CA GLY A 120 46.90 11.13 12.03
C GLY A 120 47.10 11.94 13.29
N SER A 121 48.17 12.75 13.33
CA SER A 121 48.44 13.59 14.49
C SER A 121 48.26 15.05 14.11
N LYS A 122 47.45 15.76 14.89
CA LYS A 122 47.21 17.18 14.62
C LYS A 122 48.55 17.90 14.64
N SER A 123 49.44 17.46 15.52
CA SER A 123 50.77 18.06 15.65
C SER A 123 51.61 17.94 14.36
N ALA A 124 52.42 16.88 14.29
CA ALA A 124 53.31 16.62 13.15
C ALA A 124 52.73 16.92 11.76
N ALA A 125 51.40 16.83 11.65
CA ALA A 125 50.70 17.10 10.40
C ALA A 125 50.68 18.59 10.14
N LYS A 126 50.58 19.35 11.23
CA LYS A 126 50.59 20.81 11.17
C LYS A 126 52.00 21.18 10.72
N ALA A 127 52.96 20.34 11.11
CA ALA A 127 54.37 20.51 10.78
C ALA A 127 54.58 20.45 9.26
N LEU A 128 54.49 19.22 8.76
CA LEU A 128 54.67 18.95 7.33
C LEU A 128 53.89 19.88 6.38
N MET A 129 52.71 20.31 6.81
CA MET A 129 51.86 21.20 5.99
C MET A 129 52.45 22.57 5.78
N GLU A 130 52.94 23.18 6.85
CA GLU A 130 53.56 24.48 6.76
C GLU A 130 54.76 24.38 5.82
N GLU A 131 55.58 23.34 6.02
CA GLU A 131 56.77 23.09 5.20
C GLU A 131 56.50 23.07 3.69
N ALA A 132 55.35 22.52 3.30
CA ALA A 132 55.01 22.40 1.89
C ALA A 132 54.24 23.58 1.32
N GLY A 133 53.98 24.60 2.15
CA GLY A 133 53.26 25.76 1.66
C GLY A 133 51.77 25.53 1.60
N VAL A 134 51.24 24.92 2.66
CA VAL A 134 49.81 24.67 2.77
C VAL A 134 49.33 25.58 3.92
N PRO A 135 48.51 26.59 3.60
CA PRO A 135 48.03 27.49 4.65
C PRO A 135 47.35 26.76 5.80
N LEU A 136 47.57 27.22 7.03
CA LEU A 136 46.91 26.61 8.19
C LEU A 136 46.11 27.69 8.91
N VAL A 137 45.12 27.29 9.70
CA VAL A 137 44.29 28.27 10.41
C VAL A 137 45.14 28.99 11.46
N PRO A 138 45.48 30.27 11.21
CA PRO A 138 46.29 31.02 12.18
C PRO A 138 45.81 30.85 13.61
N GLY A 139 46.72 30.49 14.50
CA GLY A 139 46.39 30.29 15.90
C GLY A 139 47.42 30.95 16.80
N TYR A 140 47.55 30.48 18.04
CA TYR A 140 48.53 31.04 18.97
C TYR A 140 48.52 30.36 20.33
N HIS A 141 49.00 29.12 20.36
CA HIS A 141 49.07 28.35 21.59
C HIS A 141 50.42 28.64 22.26
N GLY A 142 50.82 27.77 23.18
CA GLY A 142 52.09 27.98 23.86
C GLY A 142 52.07 29.18 24.79
N GLU A 143 52.37 30.36 24.24
CA GLU A 143 52.40 31.60 25.02
C GLU A 143 50.99 32.18 25.25
N ALA A 144 50.78 32.80 26.42
CA ALA A 144 49.49 33.41 26.80
C ALA A 144 49.62 34.74 27.56
N GLN A 145 50.20 35.75 26.92
CA GLN A 145 50.40 37.07 27.51
C GLN A 145 49.09 37.75 27.92
N ASP A 146 49.15 39.07 28.17
CA ASP A 146 47.98 39.85 28.58
C ASP A 146 47.48 40.89 27.57
N LEU A 147 47.50 42.17 27.95
CA LEU A 147 47.02 43.25 27.09
C LEU A 147 48.05 43.91 26.15
N GLU A 148 48.82 43.11 25.43
CA GLU A 148 49.79 43.69 24.51
C GLU A 148 50.34 42.75 23.44
N THR A 149 50.63 41.50 23.81
CA THR A 149 51.14 40.51 22.86
C THR A 149 50.02 40.07 21.93
N PHE A 150 48.84 39.86 22.50
CA PHE A 150 47.67 39.47 21.73
C PHE A 150 47.38 40.45 20.59
N ARG A 151 47.54 41.75 20.88
CA ARG A 151 47.30 42.79 19.89
C ARG A 151 48.06 42.53 18.59
N ARG A 152 49.34 42.20 18.69
CA ARG A 152 50.15 41.92 17.50
C ARG A 152 49.73 40.59 16.88
N GLU A 153 49.62 39.56 17.72
CA GLU A 153 49.23 38.23 17.26
C GLU A 153 47.90 38.32 16.52
N ALA A 154 46.89 38.81 17.23
CA ALA A 154 45.55 38.96 16.65
C ALA A 154 45.58 39.74 15.34
N GLY A 155 46.41 40.78 15.27
CA GLY A 155 46.49 41.60 14.06
C GLY A 155 46.77 40.87 12.74
N ARG A 156 47.62 39.85 12.77
CA ARG A 156 47.96 39.08 11.58
C ARG A 156 46.90 38.01 11.29
N ILE A 157 46.37 37.42 12.36
CA ILE A 157 45.35 36.39 12.26
C ILE A 157 44.01 36.93 11.71
N GLY A 158 44.00 38.14 11.15
CA GLY A 158 42.75 38.69 10.64
C GLY A 158 41.94 39.02 11.89
N TYR A 159 41.34 40.19 11.98
CA TYR A 159 40.63 40.50 13.22
C TYR A 159 39.35 39.77 13.58
N PRO A 160 38.69 39.12 12.61
CA PRO A 160 37.49 38.45 13.12
C PRO A 160 38.06 37.21 13.83
N VAL A 161 38.59 37.41 15.04
CA VAL A 161 39.25 36.36 15.82
C VAL A 161 38.56 35.90 17.11
N LEU A 162 38.79 34.64 17.47
CA LEU A 162 38.24 34.02 18.67
C LEU A 162 39.26 34.05 19.81
N LEU A 163 38.81 33.73 21.02
CA LEU A 163 39.68 33.70 22.21
C LEU A 163 39.37 32.51 23.14
N LYS A 164 40.26 31.53 23.18
CA LYS A 164 40.09 30.36 24.07
C LYS A 164 41.18 30.32 25.16
N ALA A 165 41.24 29.23 25.91
CA ALA A 165 42.22 29.12 27.01
C ALA A 165 43.04 27.82 27.01
N ALA A 166 42.63 26.89 27.87
CA ALA A 166 43.29 25.59 28.01
C ALA A 166 42.30 24.58 28.62
N ALA A 167 41.42 24.04 27.77
CA ALA A 167 40.40 23.08 28.19
C ALA A 167 40.06 22.11 27.05
N MET A 174 35.03 30.63 24.15
CA MET A 174 34.88 31.61 23.09
C MET A 174 34.68 33.03 23.62
N LYS A 175 35.16 34.00 22.84
CA LYS A 175 35.07 35.43 23.14
C LYS A 175 35.38 36.10 21.79
N VAL A 176 34.45 35.94 20.86
CA VAL A 176 34.58 36.47 19.51
C VAL A 176 34.94 37.97 19.46
N VAL A 177 36.18 38.25 19.08
CA VAL A 177 36.67 39.63 18.96
C VAL A 177 36.45 40.08 17.52
N GLU A 178 35.86 41.25 17.33
CA GLU A 178 35.61 41.73 15.97
C GLU A 178 36.41 42.94 15.50
N ARG A 179 36.86 43.76 16.45
CA ARG A 179 37.64 44.97 16.16
C ARG A 179 38.86 45.07 17.10
N GLU A 180 39.91 45.77 16.67
CA GLU A 180 41.09 45.93 17.52
C GLU A 180 40.67 46.77 18.73
N ALA A 181 39.65 47.61 18.52
CA ALA A 181 39.09 48.49 19.53
C ALA A 181 38.24 47.74 20.55
N GLU A 182 37.94 46.48 20.26
CA GLU A 182 37.14 45.64 21.15
C GLU A 182 38.10 44.69 21.88
N LEU A 183 39.34 44.62 21.40
CA LEU A 183 40.36 43.75 21.96
C LEU A 183 40.67 44.09 23.41
N ALA A 184 40.41 45.35 23.78
CA ALA A 184 40.62 45.86 25.14
C ALA A 184 39.95 44.97 26.19
N GLU A 185 38.62 45.04 26.26
CA GLU A 185 37.85 44.22 27.20
C GLU A 185 37.95 42.75 26.82
N ALA A 186 38.21 42.49 25.54
CA ALA A 186 38.34 41.12 25.06
C ALA A 186 39.39 40.35 25.85
N LEU A 187 40.43 41.05 26.30
CA LEU A 187 41.54 40.43 27.05
C LEU A 187 41.32 40.25 28.57
N SER A 188 40.91 41.31 29.27
CA SER A 188 40.68 41.21 30.71
C SER A 188 39.49 40.31 31.07
N SER A 189 39.66 39.01 30.84
CA SER A 189 38.64 38.01 31.14
C SER A 189 39.28 36.62 31.32
N ALA A 190 39.43 36.23 32.58
CA ALA A 190 40.01 34.93 32.94
C ALA A 190 39.42 34.53 34.30
N GLN A 191 38.97 33.29 34.43
CA GLN A 191 38.35 32.84 35.69
C GLN A 191 38.40 31.32 35.97
N ARG A 192 37.26 30.78 36.40
CA ARG A 192 37.09 29.37 36.72
C ARG A 192 38.29 28.78 37.46
N ALA A 201 44.43 35.79 31.54
CA ALA A 201 45.84 35.41 31.54
C ALA A 201 46.11 34.27 30.55
N ARG A 202 45.82 33.04 30.98
CA ARG A 202 46.00 31.87 30.13
C ARG A 202 45.01 31.95 28.97
N MET A 203 45.37 32.67 27.91
CA MET A 203 44.48 32.84 26.75
C MET A 203 45.10 32.49 25.40
N LEU A 204 44.31 31.86 24.53
CA LEU A 204 44.75 31.46 23.18
C LEU A 204 44.13 32.36 22.10
N VAL A 205 44.84 32.53 20.98
CA VAL A 205 44.33 33.37 19.89
C VAL A 205 44.13 32.58 18.59
N GLU A 206 42.93 32.05 18.40
CA GLU A 206 42.61 31.27 17.22
C GLU A 206 41.66 32.01 16.26
N LYS A 207 42.03 32.06 14.98
CA LYS A 207 41.23 32.74 13.97
C LYS A 207 39.84 32.16 13.83
N TYR A 208 38.85 33.04 13.72
CA TYR A 208 37.44 32.68 13.58
C TYR A 208 37.06 32.86 12.11
N LEU A 209 36.30 31.92 11.58
CA LEU A 209 35.92 31.97 10.18
C LEU A 209 34.45 32.27 9.93
N LEU A 210 34.25 33.20 9.02
CA LEU A 210 32.91 33.66 8.66
C LEU A 210 32.29 32.81 7.56
N LYS A 211 31.07 32.34 7.80
CA LYS A 211 30.35 31.53 6.82
C LYS A 211 31.33 30.77 5.92
N PRO A 212 32.08 29.83 6.51
CA PRO A 212 33.06 29.02 5.79
C PRO A 212 32.49 27.83 5.01
N ARG A 213 32.86 27.72 3.74
CA ARG A 213 32.43 26.59 2.92
C ARG A 213 33.49 25.50 3.11
N HIS A 214 33.05 24.25 3.12
CA HIS A 214 33.94 23.08 3.27
C HIS A 214 34.28 22.59 1.87
N VAL A 215 35.50 22.91 1.45
CA VAL A 215 35.97 22.51 0.13
C VAL A 215 37.17 21.58 0.28
N GLU A 216 37.05 20.36 -0.24
CA GLU A 216 38.14 19.40 -0.18
C GLU A 216 38.57 19.13 -1.61
N ILE A 217 39.80 18.68 -1.77
CA ILE A 217 40.31 18.36 -3.11
C ILE A 217 40.62 16.88 -3.23
N GLN A 218 40.19 16.29 -4.33
CA GLN A 218 40.43 14.89 -4.56
C GLN A 218 41.83 14.74 -5.10
N VAL A 219 42.71 14.19 -4.27
CA VAL A 219 44.10 13.98 -4.65
C VAL A 219 44.23 12.51 -5.03
N PHE A 220 45.18 12.21 -5.91
CA PHE A 220 45.42 10.83 -6.31
C PHE A 220 46.82 10.73 -6.91
N ALA A 221 47.69 9.96 -6.26
CA ALA A 221 49.04 9.80 -6.76
C ALA A 221 49.21 8.39 -7.30
N ASP A 222 50.46 7.94 -7.42
CA ASP A 222 50.79 6.59 -7.87
C ASP A 222 52.12 6.27 -7.20
N ARG A 223 52.85 5.29 -7.70
CA ARG A 223 54.12 4.97 -7.08
C ARG A 223 55.22 5.79 -7.72
N HIS A 224 55.03 6.11 -8.99
CA HIS A 224 56.02 6.85 -9.76
C HIS A 224 56.12 8.35 -9.51
N GLY A 225 55.90 8.76 -8.25
CA GLY A 225 56.01 10.17 -7.90
C GLY A 225 55.02 11.15 -8.50
N HIS A 226 54.29 10.73 -9.54
CA HIS A 226 53.30 11.61 -10.16
C HIS A 226 52.15 11.83 -9.19
N CYS A 227 51.56 13.02 -9.25
CA CYS A 227 50.43 13.29 -8.38
C CYS A 227 49.57 14.36 -8.99
N LEU A 228 48.28 14.27 -8.75
CA LEU A 228 47.38 15.25 -9.31
C LEU A 228 46.12 15.37 -8.47
N TYR A 229 45.39 16.44 -8.70
CA TYR A 229 44.17 16.66 -7.97
C TYR A 229 43.05 16.57 -8.99
N LEU A 230 41.98 15.88 -8.62
CA LEU A 230 40.85 15.67 -9.52
C LEU A 230 39.70 16.60 -9.13
N ASN A 231 39.91 17.89 -9.36
CA ASN A 231 38.93 18.91 -9.03
C ASN A 231 38.59 18.85 -7.54
N GLU A 232 37.67 19.70 -7.11
CA GLU A 232 37.29 19.76 -5.69
C GLU A 232 35.82 19.43 -5.48
N ARG A 233 35.46 19.20 -4.22
CA ARG A 233 34.08 18.89 -3.85
C ARG A 233 33.69 19.78 -2.70
N ASP A 234 32.42 20.20 -2.67
CA ASP A 234 31.95 21.01 -1.56
C ASP A 234 31.09 20.09 -0.73
N CYS A 235 31.33 20.11 0.58
CA CYS A 235 30.59 19.25 1.49
C CYS A 235 30.16 20.07 2.69
N SER A 236 29.63 21.25 2.40
CA SER A 236 29.21 22.20 3.41
C SER A 236 27.99 21.83 4.22
N ILE A 237 26.94 21.39 3.54
CA ILE A 237 25.72 21.01 4.24
C ILE A 237 25.96 19.78 5.12
N GLN A 238 26.10 20.00 6.43
CA GLN A 238 26.36 18.91 7.37
C GLN A 238 25.45 18.91 8.59
N ARG A 239 24.91 17.73 8.88
CA ARG A 239 24.02 17.54 10.01
C ARG A 239 24.92 17.40 11.22
N ARG A 240 24.84 18.38 12.11
CA ARG A 240 25.63 18.38 13.33
C ARG A 240 26.90 17.57 13.08
N HIS A 241 27.82 18.17 12.31
CA HIS A 241 29.08 17.55 11.94
C HIS A 241 28.78 16.17 11.40
N GLN A 242 28.85 16.06 10.07
CA GLN A 242 28.60 14.81 9.35
C GLN A 242 28.09 15.24 8.00
N LYS A 243 28.85 14.93 6.95
CA LYS A 243 28.48 15.31 5.60
C LYS A 243 27.12 14.71 5.19
N VAL A 244 26.24 15.57 4.71
CA VAL A 244 24.90 15.14 4.32
C VAL A 244 24.71 15.25 2.82
N VAL A 245 25.28 16.29 2.24
CA VAL A 245 25.16 16.53 0.82
C VAL A 245 26.55 16.84 0.32
N GLU A 246 26.84 16.50 -0.94
CA GLU A 246 28.14 16.82 -1.51
C GLU A 246 27.96 17.20 -2.96
N GLU A 247 28.90 17.98 -3.48
CA GLU A 247 28.83 18.33 -4.87
C GLU A 247 30.16 18.66 -5.47
N ALA A 248 30.21 18.53 -6.79
CA ALA A 248 31.42 18.79 -7.52
C ALA A 248 30.94 19.27 -8.86
N PRO A 249 31.45 20.41 -9.30
CA PRO A 249 32.42 21.18 -8.53
C PRO A 249 31.78 22.09 -7.46
N ALA A 250 32.65 22.73 -6.67
CA ALA A 250 32.22 23.65 -5.63
C ALA A 250 31.58 24.82 -6.37
N PRO A 251 30.24 24.94 -6.29
CA PRO A 251 29.39 25.96 -6.91
C PRO A 251 30.00 27.34 -7.21
N GLY A 252 30.58 27.96 -6.19
CA GLY A 252 31.12 29.28 -6.38
C GLY A 252 32.47 29.51 -7.05
N LEU A 253 33.54 29.06 -6.42
CA LEU A 253 34.89 29.29 -6.91
C LEU A 253 35.20 29.03 -8.40
N GLY A 254 36.08 29.86 -8.93
CA GLY A 254 36.48 29.76 -10.33
C GLY A 254 37.81 29.07 -10.56
N ALA A 255 38.30 29.10 -11.80
CA ALA A 255 39.55 28.45 -12.18
C ALA A 255 40.77 28.70 -11.30
N GLU A 256 41.04 29.97 -11.01
CA GLU A 256 42.21 30.32 -10.20
C GLU A 256 42.17 29.70 -8.82
N LEU A 257 41.05 29.89 -8.14
CA LEU A 257 40.85 29.37 -6.79
C LEU A 257 40.95 27.84 -6.75
N ARG A 258 40.50 27.22 -7.83
CA ARG A 258 40.51 25.77 -7.96
C ARG A 258 41.95 25.28 -8.00
N ARG A 259 42.71 25.74 -9.00
CA ARG A 259 44.09 25.32 -9.12
C ARG A 259 44.93 25.70 -7.91
N ALA A 260 44.53 26.76 -7.21
CA ALA A 260 45.27 27.16 -6.02
C ALA A 260 45.13 26.10 -4.92
N MET A 261 43.87 25.75 -4.60
CA MET A 261 43.61 24.76 -3.57
C MET A 261 44.09 23.39 -4.02
N GLY A 262 43.97 23.10 -5.31
CA GLY A 262 44.42 21.82 -5.83
C GLY A 262 45.91 21.65 -5.65
N GLU A 263 46.67 22.65 -6.11
CA GLU A 263 48.12 22.62 -6.01
C GLU A 263 48.48 22.47 -4.54
N ALA A 264 47.84 23.28 -3.70
CA ALA A 264 48.11 23.20 -2.26
C ALA A 264 48.00 21.75 -1.76
N ALA A 265 46.88 21.10 -2.08
CA ALA A 265 46.60 19.72 -1.70
C ALA A 265 47.61 18.77 -2.31
N VAL A 266 47.96 19.01 -3.58
CA VAL A 266 48.93 18.16 -4.25
C VAL A 266 50.30 18.26 -3.54
N ARG A 267 50.70 19.48 -3.16
CA ARG A 267 51.98 19.70 -2.46
C ARG A 267 51.92 19.04 -1.09
N ALA A 268 50.71 18.97 -0.54
CA ALA A 268 50.46 18.38 0.76
C ALA A 268 50.69 16.87 0.69
N ALA A 269 50.28 16.28 -0.43
CA ALA A 269 50.41 14.84 -0.63
C ALA A 269 51.83 14.47 -1.02
N GLN A 270 52.44 15.30 -1.86
CA GLN A 270 53.82 15.10 -2.29
C GLN A 270 54.63 15.09 -1.02
N ALA A 271 54.32 16.05 -0.14
CA ALA A 271 54.97 16.22 1.15
C ALA A 271 55.23 14.92 1.89
N ILE A 272 54.16 14.20 2.25
CA ILE A 272 54.32 12.93 2.96
C ILE A 272 54.49 11.73 2.04
N GLY A 273 54.79 11.99 0.76
CA GLY A 273 54.98 10.90 -0.18
C GLY A 273 53.74 10.03 -0.22
N TYR A 274 52.64 10.57 -0.74
CA TYR A 274 51.37 9.86 -0.82
C TYR A 274 51.37 8.94 -2.05
N VAL A 275 50.56 7.89 -2.03
CA VAL A 275 50.50 6.99 -3.17
C VAL A 275 49.10 6.77 -3.73
N GLY A 276 48.14 6.41 -2.89
CA GLY A 276 46.80 6.16 -3.42
C GLY A 276 45.89 7.36 -3.67
N ALA A 277 44.66 7.16 -3.22
CA ALA A 277 43.61 8.16 -3.32
C ALA A 277 43.43 8.75 -1.94
N GLY A 278 43.02 10.00 -1.90
CA GLY A 278 42.81 10.67 -0.64
C GLY A 278 42.37 12.07 -0.97
N THR A 279 41.85 12.77 0.01
CA THR A 279 41.43 14.14 -0.26
C THR A 279 41.91 15.02 0.86
N VAL A 280 42.21 16.26 0.48
CA VAL A 280 42.67 17.24 1.44
C VAL A 280 41.40 18.04 1.76
N GLU A 281 41.07 18.08 3.04
CA GLU A 281 39.88 18.80 3.45
C GLU A 281 40.24 20.23 3.90
N PHE A 282 39.81 21.21 3.10
CA PHE A 282 40.06 22.62 3.40
C PHE A 282 38.83 23.28 4.03
N LEU A 283 38.86 24.60 4.08
CA LEU A 283 37.78 25.41 4.64
C LEU A 283 38.07 26.84 4.16
N LEU A 284 37.15 27.44 3.40
CA LEU A 284 37.41 28.80 2.94
C LEU A 284 36.26 29.75 3.32
N ASP A 285 36.60 30.87 3.98
CA ASP A 285 35.59 31.84 4.39
C ASP A 285 34.95 32.57 3.24
N GLU A 286 34.23 33.64 3.55
CA GLU A 286 33.57 34.43 2.52
C GLU A 286 34.67 35.18 1.79
N ARG A 287 35.80 35.38 2.48
CA ARG A 287 36.95 36.12 1.96
C ARG A 287 37.92 35.37 1.05
N GLY A 288 37.59 34.15 0.63
CA GLY A 288 38.45 33.40 -0.28
C GLY A 288 39.72 32.72 0.23
N GLN A 289 40.07 32.96 1.49
CA GLN A 289 41.25 32.34 2.09
C GLN A 289 40.92 30.91 2.47
N PHE A 290 41.71 29.95 2.03
CA PHE A 290 41.43 28.55 2.36
C PHE A 290 42.45 27.90 3.29
N PHE A 291 41.96 27.19 4.30
CA PHE A 291 42.85 26.57 5.28
C PHE A 291 42.76 25.06 5.43
N PHE A 292 43.90 24.41 5.62
CA PHE A 292 43.95 22.98 5.79
C PHE A 292 43.35 22.56 7.13
N MET A 293 42.53 21.52 7.08
CA MET A 293 41.85 20.98 8.26
C MET A 293 42.37 19.59 8.57
N GLU A 294 42.44 18.76 7.54
CA GLU A 294 42.97 17.40 7.65
C GLU A 294 42.84 16.66 6.31
N MET A 295 43.69 15.67 6.14
CA MET A 295 43.67 14.91 4.93
C MET A 295 43.19 13.51 5.26
N ASN A 296 42.33 12.96 4.40
CA ASN A 296 41.83 11.61 4.62
C ASN A 296 42.72 10.68 3.79
N THR A 297 43.39 9.76 4.48
CA THR A 297 44.33 8.81 3.86
C THR A 297 43.62 7.52 3.38
N ARG A 298 42.50 7.74 2.71
CA ARG A 298 41.65 6.68 2.21
C ARG A 298 40.95 7.26 1.00
N LEU A 299 39.89 6.59 0.55
CA LEU A 299 39.09 7.11 -0.57
C LEU A 299 37.94 7.85 0.13
N GLN A 300 37.42 8.91 -0.48
CA GLN A 300 36.34 9.62 0.20
C GLN A 300 34.97 9.00 -0.04
N VAL A 301 34.11 9.10 0.96
CA VAL A 301 32.77 8.56 0.81
C VAL A 301 32.08 9.24 -0.39
N GLU A 302 32.06 10.56 -0.37
CA GLU A 302 31.41 11.32 -1.42
C GLU A 302 32.12 11.28 -2.77
N HIS A 303 33.03 10.33 -2.96
CA HIS A 303 33.79 10.25 -4.21
C HIS A 303 33.01 10.15 -5.52
N PRO A 304 31.76 9.65 -5.47
CA PRO A 304 30.98 9.55 -6.71
C PRO A 304 30.75 10.86 -7.50
N VAL A 305 30.52 11.98 -6.82
CA VAL A 305 30.29 13.24 -7.54
C VAL A 305 31.53 13.60 -8.37
N THR A 306 32.71 13.23 -7.87
CA THR A 306 33.94 13.53 -8.57
C THR A 306 33.99 12.67 -9.81
N GLU A 307 33.67 11.39 -9.65
CA GLU A 307 33.70 10.46 -10.77
C GLU A 307 32.71 10.95 -11.81
N ALA A 308 31.56 11.42 -11.34
CA ALA A 308 30.52 11.91 -12.21
C ALA A 308 31.01 12.94 -13.21
N ILE A 309 31.63 13.99 -12.70
CA ILE A 309 32.13 15.09 -13.54
C ILE A 309 33.48 14.83 -14.18
N THR A 310 34.01 13.62 -14.04
CA THR A 310 35.31 13.31 -14.65
C THR A 310 35.35 12.01 -15.48
N GLY A 311 34.31 11.18 -15.36
CA GLY A 311 34.23 9.92 -16.08
C GLY A 311 35.28 8.92 -15.62
N LEU A 312 35.82 9.13 -14.42
CA LEU A 312 36.86 8.28 -13.87
C LEU A 312 36.42 7.33 -12.77
N ASP A 313 36.89 6.09 -12.83
CA ASP A 313 36.58 5.10 -11.79
C ASP A 313 37.72 5.13 -10.76
N LEU A 314 37.56 5.90 -9.69
CA LEU A 314 38.60 6.02 -8.68
C LEU A 314 39.01 4.71 -8.04
N VAL A 315 38.10 3.73 -7.99
CA VAL A 315 38.47 2.44 -7.41
C VAL A 315 39.35 1.70 -8.41
N ALA A 316 39.00 1.77 -9.70
CA ALA A 316 39.84 1.12 -10.70
C ALA A 316 41.26 1.72 -10.58
N TRP A 317 41.33 3.04 -10.59
CA TRP A 317 42.60 3.76 -10.45
C TRP A 317 43.29 3.28 -9.19
N GLN A 318 42.53 3.22 -8.11
CA GLN A 318 43.05 2.78 -6.82
C GLN A 318 43.69 1.42 -6.96
N ILE A 319 43.10 0.58 -7.79
CA ILE A 319 43.60 -0.77 -8.01
C ILE A 319 44.82 -0.73 -8.87
N ARG A 320 44.78 0.09 -9.91
CA ARG A 320 45.92 0.16 -10.80
C ARG A 320 47.20 0.66 -10.11
N VAL A 321 47.15 1.74 -9.32
CA VAL A 321 48.38 2.18 -8.67
C VAL A 321 48.88 1.09 -7.77
N ALA A 322 47.97 0.37 -7.13
CA ALA A 322 48.40 -0.71 -6.24
C ALA A 322 49.27 -1.67 -7.03
N ARG A 323 48.82 -2.00 -8.25
CA ARG A 323 49.52 -2.90 -9.15
C ARG A 323 50.78 -2.23 -9.65
N GLY A 324 50.89 -0.95 -9.33
CA GLY A 324 52.05 -0.17 -9.69
C GLY A 324 52.09 0.43 -11.08
N GLU A 325 50.94 0.81 -11.63
CA GLU A 325 50.94 1.43 -12.96
C GLU A 325 50.98 2.94 -12.73
N ALA A 326 51.10 3.69 -13.80
CA ALA A 326 51.16 5.15 -13.67
C ALA A 326 49.84 5.80 -14.03
N LEU A 327 49.45 6.80 -13.24
CA LEU A 327 48.20 7.52 -13.47
C LEU A 327 48.06 7.76 -14.98
N PRO A 328 46.91 7.37 -15.56
CA PRO A 328 46.67 7.53 -17.00
C PRO A 328 46.58 8.94 -17.55
N LEU A 329 46.65 9.95 -16.68
CA LEU A 329 46.56 11.34 -17.11
C LEU A 329 47.57 12.31 -16.49
N THR A 330 47.62 13.49 -17.11
CA THR A 330 48.47 14.58 -16.64
C THR A 330 47.41 15.56 -16.14
N GLN A 331 47.82 16.57 -15.37
CA GLN A 331 46.84 17.51 -14.88
C GLN A 331 46.09 18.27 -15.95
N GLU A 332 46.68 18.41 -17.12
CA GLU A 332 46.04 19.15 -18.21
C GLU A 332 44.88 18.37 -18.80
N GLN A 333 44.79 17.11 -18.40
CA GLN A 333 43.76 16.22 -18.89
C GLN A 333 42.62 15.93 -17.90
N VAL A 334 42.88 16.07 -16.59
CA VAL A 334 41.83 15.85 -15.59
C VAL A 334 40.57 16.63 -16.01
N PRO A 335 39.55 15.93 -16.55
CA PRO A 335 38.34 16.64 -16.98
C PRO A 335 37.51 17.26 -15.88
N LEU A 336 36.50 18.02 -16.30
CA LEU A 336 35.61 18.66 -15.36
C LEU A 336 34.46 19.20 -16.17
N ASN A 337 33.56 18.33 -16.59
CA ASN A 337 32.43 18.86 -17.34
C ASN A 337 31.16 18.46 -16.60
N GLY A 338 30.16 19.36 -16.59
CA GLY A 338 28.90 19.14 -15.92
C GLY A 338 28.93 19.30 -14.41
N HIS A 339 27.81 18.99 -13.75
CA HIS A 339 27.70 19.12 -12.29
C HIS A 339 27.00 17.88 -11.71
N ALA A 340 27.49 17.37 -10.58
CA ALA A 340 26.90 16.19 -9.94
C ALA A 340 26.66 16.40 -8.44
N ILE A 341 25.46 16.06 -7.96
CA ILE A 341 25.17 16.25 -6.54
C ILE A 341 24.92 14.91 -5.86
N GLU A 342 25.52 14.71 -4.69
CA GLU A 342 25.33 13.48 -3.94
C GLU A 342 24.63 13.70 -2.61
N VAL A 343 23.75 12.77 -2.28
CA VAL A 343 22.98 12.82 -1.04
C VAL A 343 23.13 11.50 -0.27
N ARG A 344 23.21 11.57 1.05
CA ARG A 344 23.34 10.37 1.88
C ARG A 344 22.04 9.92 2.56
N LEU A 345 21.53 8.77 2.15
CA LEU A 345 20.31 8.22 2.73
C LEU A 345 20.67 7.41 3.98
N TYR A 346 20.17 7.87 5.13
CA TYR A 346 20.43 7.23 6.40
C TYR A 346 19.15 6.78 7.10
N ALA A 347 19.34 5.92 8.09
CA ALA A 347 18.24 5.44 8.89
C ALA A 347 18.34 6.26 10.18
N GLU A 348 18.20 7.58 10.03
CA GLU A 348 18.25 8.53 11.14
C GLU A 348 16.81 8.94 11.29
N ASP A 349 16.54 9.95 12.12
CA ASP A 349 15.18 10.44 12.33
C ASP A 349 15.17 11.94 12.07
N PRO A 350 14.49 12.38 10.99
CA PRO A 350 14.43 13.81 10.66
C PRO A 350 14.15 14.65 11.92
N GLU A 351 12.87 14.78 12.26
CA GLU A 351 12.44 15.55 13.42
C GLU A 351 12.45 14.64 14.67
N GLY A 352 13.63 14.10 14.99
CA GLY A 352 13.76 13.24 16.15
C GLY A 352 15.17 13.38 16.72
N ASP A 353 15.71 14.58 16.63
CA ASP A 353 17.06 14.90 17.11
C ASP A 353 18.14 14.05 16.44
N PHE A 354 17.83 13.55 15.24
CA PHE A 354 18.76 12.73 14.45
C PHE A 354 19.36 11.62 15.31
N LEU A 355 18.73 10.45 15.30
CA LEU A 355 19.24 9.32 16.09
C LEU A 355 19.20 8.01 15.32
N PRO A 356 20.33 7.28 15.33
CA PRO A 356 20.52 5.99 14.66
C PRO A 356 19.36 5.01 14.79
N ALA A 357 18.28 5.26 14.05
CA ALA A 357 17.11 4.39 14.05
C ALA A 357 17.44 3.07 13.32
N SER A 358 17.54 1.99 14.08
CA SER A 358 17.85 0.65 13.55
C SER A 358 16.66 -0.30 13.66
N GLY A 359 16.19 -0.76 12.50
CA GLY A 359 15.07 -1.67 12.42
C GLY A 359 15.09 -2.55 11.16
N ARG A 360 13.91 -2.83 10.62
CA ARG A 360 13.79 -3.69 9.43
C ARG A 360 13.23 -2.98 8.22
N LEU A 361 13.92 -3.09 7.08
CA LEU A 361 13.48 -2.45 5.83
C LEU A 361 12.28 -3.14 5.20
N MET A 362 11.09 -2.86 5.73
CA MET A 362 9.85 -3.46 5.25
C MET A 362 9.58 -3.10 3.78
N LEU A 363 10.01 -1.88 3.39
CA LEU A 363 9.89 -1.35 2.03
C LEU A 363 11.15 -0.61 1.60
N TYR A 364 11.68 -0.96 0.44
CA TYR A 364 12.88 -0.29 -0.07
C TYR A 364 12.88 -0.30 -1.61
N ARG A 365 12.39 0.77 -2.22
CA ARG A 365 12.34 0.88 -3.67
C ARG A 365 13.24 2.01 -4.16
N GLU A 366 14.30 1.67 -4.87
CA GLU A 366 15.19 2.68 -5.41
C GLU A 366 14.55 3.29 -6.66
N ALA A 367 15.16 4.33 -7.18
CA ALA A 367 14.61 4.97 -8.36
C ALA A 367 15.27 4.52 -9.63
N ALA A 368 14.43 4.06 -10.54
CA ALA A 368 14.78 3.57 -11.87
C ALA A 368 16.00 4.20 -12.44
N ALA A 369 16.67 3.42 -13.28
CA ALA A 369 17.84 3.91 -13.98
C ALA A 369 17.20 4.97 -14.85
N GLY A 370 17.95 6.04 -15.09
CA GLY A 370 17.48 7.13 -15.90
C GLY A 370 18.72 7.93 -16.16
N PRO A 371 18.71 8.89 -17.10
CA PRO A 371 19.84 9.73 -17.44
C PRO A 371 21.03 9.83 -16.46
N GLY A 372 21.28 11.02 -15.92
CA GLY A 372 22.44 11.16 -15.04
C GLY A 372 22.34 10.49 -13.69
N ARG A 373 21.46 9.50 -13.59
CA ARG A 373 21.20 8.84 -12.33
C ARG A 373 22.18 7.77 -11.90
N ARG A 374 22.53 7.81 -10.62
CA ARG A 374 23.44 6.85 -10.01
C ARG A 374 22.99 6.60 -8.59
N VAL A 375 23.18 5.39 -8.08
CA VAL A 375 22.82 5.07 -6.70
C VAL A 375 23.74 3.96 -6.22
N ASP A 376 24.51 4.25 -5.18
CA ASP A 376 25.42 3.26 -4.63
C ASP A 376 24.82 2.90 -3.27
N SER A 377 24.24 1.72 -3.18
CA SER A 377 23.63 1.25 -1.94
C SER A 377 24.32 -0.01 -1.43
N GLY A 378 23.89 -0.47 -0.26
CA GLY A 378 24.46 -1.66 0.33
C GLY A 378 23.34 -2.47 0.93
N VAL A 379 22.11 -2.11 0.60
CA VAL A 379 20.95 -2.81 1.13
C VAL A 379 20.01 -3.29 0.07
N ARG A 380 18.90 -3.86 0.51
CA ARG A 380 17.83 -4.41 -0.34
C ARG A 380 16.63 -4.66 0.54
N GLU A 381 15.44 -4.75 -0.04
CA GLU A 381 14.26 -4.96 0.79
C GLU A 381 14.43 -6.19 1.65
N GLY A 382 13.84 -6.13 2.84
CA GLY A 382 13.92 -7.25 3.77
C GLY A 382 15.12 -7.18 4.69
N ASP A 383 16.14 -6.45 4.30
CA ASP A 383 17.34 -6.36 5.13
C ASP A 383 17.10 -5.66 6.46
N GLU A 384 17.88 -6.04 7.47
CA GLU A 384 17.75 -5.43 8.79
C GLU A 384 18.84 -4.39 9.01
N VAL A 385 18.46 -3.23 9.52
CA VAL A 385 19.48 -2.24 9.74
C VAL A 385 19.93 -2.37 11.17
N SER A 386 21.03 -3.11 11.33
CA SER A 386 21.63 -3.35 12.64
C SER A 386 22.09 -2.10 13.37
N PRO A 387 22.07 -2.15 14.71
CA PRO A 387 22.48 -1.03 15.56
C PRO A 387 23.98 -1.07 15.83
N PHE A 388 24.73 -1.77 14.98
CA PHE A 388 26.16 -1.87 15.16
C PHE A 388 26.98 -1.12 14.15
N TYR A 389 26.38 -0.68 13.05
CA TYR A 389 27.17 0.01 12.04
C TYR A 389 26.51 1.27 11.53
N ASP A 390 27.30 2.07 10.81
CA ASP A 390 26.83 3.33 10.21
C ASP A 390 25.52 3.03 9.50
N PRO A 391 24.42 3.70 9.89
CA PRO A 391 23.10 3.52 9.30
C PRO A 391 22.92 4.01 7.87
N MET A 392 23.99 4.12 7.10
CA MET A 392 23.85 4.60 5.72
C MET A 392 23.25 3.54 4.81
N LEU A 393 22.05 3.81 4.30
CA LEU A 393 21.38 2.90 3.38
C LEU A 393 22.01 3.00 1.99
N ALA A 394 21.91 4.18 1.41
CA ALA A 394 22.48 4.39 0.08
C ALA A 394 22.92 5.83 -0.17
N LYS A 395 23.60 6.03 -1.29
CA LYS A 395 24.06 7.33 -1.72
C LYS A 395 23.42 7.54 -3.09
N LEU A 396 22.64 8.61 -3.23
CA LEU A 396 21.99 8.89 -4.49
C LEU A 396 22.76 10.04 -5.16
N ILE A 397 23.21 9.81 -6.39
CA ILE A 397 23.98 10.79 -7.14
C ILE A 397 23.34 11.11 -8.48
N ALA A 398 23.20 12.39 -8.77
CA ALA A 398 22.62 12.78 -10.04
C ALA A 398 23.60 13.71 -10.68
N TRP A 399 23.75 13.51 -11.98
CA TRP A 399 24.63 14.33 -12.76
C TRP A 399 23.71 15.11 -13.68
N GLY A 400 24.18 16.30 -14.05
CA GLY A 400 23.42 17.15 -14.94
C GLY A 400 24.43 18.00 -15.68
N GLU A 401 24.00 18.62 -16.78
CA GLU A 401 24.92 19.48 -17.50
C GLU A 401 25.14 20.72 -16.62
N THR A 402 24.07 21.39 -16.24
CA THR A 402 24.18 22.57 -15.39
C THR A 402 24.02 22.03 -13.94
N ARG A 403 23.99 22.90 -12.94
CA ARG A 403 23.81 22.41 -11.56
C ARG A 403 22.31 22.26 -11.27
N GLU A 404 21.50 23.04 -11.95
CA GLU A 404 20.06 22.96 -11.75
C GLU A 404 19.57 21.58 -12.19
N GLU A 405 20.18 21.09 -13.28
CA GLU A 405 19.87 19.80 -13.87
C GLU A 405 20.16 18.70 -12.83
N ALA A 406 21.40 18.66 -12.36
CA ALA A 406 21.79 17.69 -11.36
C ALA A 406 20.80 17.79 -10.20
N ARG A 407 20.54 19.01 -9.74
CA ARG A 407 19.63 19.21 -8.62
C ARG A 407 18.23 18.68 -8.92
N GLN A 408 17.65 19.14 -10.02
CA GLN A 408 16.31 18.70 -10.38
C GLN A 408 16.21 17.19 -10.59
N ARG A 409 17.27 16.59 -11.14
CA ARG A 409 17.31 15.16 -11.38
C ARG A 409 17.39 14.44 -10.07
N LEU A 410 18.36 14.84 -9.26
CA LEU A 410 18.55 14.24 -7.94
C LEU A 410 17.24 14.32 -7.17
N LEU A 411 16.56 15.47 -7.27
CA LEU A 411 15.30 15.62 -6.57
C LEU A 411 14.30 14.57 -7.04
N ALA A 412 14.27 14.31 -8.36
CA ALA A 412 13.37 13.31 -8.94
C ALA A 412 13.71 11.90 -8.42
N MET A 413 15.00 11.65 -8.19
CA MET A 413 15.43 10.37 -7.69
C MET A 413 14.98 10.20 -6.25
N LEU A 414 14.80 11.32 -5.56
CA LEU A 414 14.36 11.26 -4.17
C LEU A 414 12.85 11.12 -4.14
N ALA A 415 12.18 11.58 -5.19
CA ALA A 415 10.73 11.46 -5.26
C ALA A 415 10.42 9.99 -5.53
N GLU A 416 11.17 9.40 -6.44
CA GLU A 416 10.94 8.02 -6.83
C GLU A 416 11.52 6.97 -5.90
N THR A 417 11.99 7.40 -4.75
CA THR A 417 12.56 6.48 -3.80
C THR A 417 11.64 6.40 -2.60
N SER A 418 11.33 5.19 -2.13
CA SER A 418 10.49 5.04 -0.95
C SER A 418 11.19 4.08 -0.01
N VAL A 419 11.01 4.28 1.29
CA VAL A 419 11.62 3.41 2.29
C VAL A 419 10.71 3.33 3.51
N GLY A 420 10.22 2.13 3.82
CA GLY A 420 9.32 1.96 4.96
C GLY A 420 9.74 0.89 5.94
N GLY A 421 9.34 1.08 7.20
CA GLY A 421 9.69 0.14 8.26
C GLY A 421 10.70 0.75 9.22
N LEU A 422 11.14 1.96 8.87
CA LEU A 422 12.13 2.73 9.62
C LEU A 422 11.85 4.21 9.49
N ARG A 423 12.61 5.01 10.24
CA ARG A 423 12.50 6.45 10.15
C ARG A 423 13.64 6.76 9.18
N THR A 424 13.43 7.68 8.25
CA THR A 424 14.48 8.01 7.28
C THR A 424 14.72 9.48 7.08
N ASN A 425 15.97 9.83 6.80
CA ASN A 425 16.34 11.22 6.56
C ASN A 425 15.98 11.61 5.12
N LEU A 426 15.18 10.79 4.47
CA LEU A 426 14.80 11.02 3.10
C LEU A 426 13.88 12.22 2.93
N ALA A 427 12.86 12.34 3.75
CA ALA A 427 11.97 13.49 3.63
C ALA A 427 12.82 14.78 3.80
N PHE A 428 13.75 14.74 4.74
CA PHE A 428 14.68 15.83 5.06
C PHE A 428 15.48 16.25 3.82
N LEU A 429 16.15 15.28 3.20
CA LEU A 429 16.95 15.48 2.01
C LEU A 429 16.12 16.06 0.88
N ARG A 430 14.89 15.59 0.71
CA ARG A 430 14.02 16.09 -0.36
C ARG A 430 13.86 17.60 -0.21
N ARG A 431 13.60 18.01 1.03
CA ARG A 431 13.44 19.42 1.32
C ARG A 431 14.72 20.21 1.01
N ILE A 432 15.87 19.71 1.43
CA ILE A 432 17.12 20.42 1.16
C ILE A 432 17.31 20.74 -0.31
N LEU A 433 17.19 19.73 -1.17
CA LEU A 433 17.39 19.99 -2.59
C LEU A 433 16.29 20.92 -3.08
N GLY A 434 15.13 20.83 -2.47
CA GLY A 434 14.04 21.69 -2.91
C GLY A 434 13.93 22.98 -2.11
N HIS A 435 15.06 23.43 -1.56
CA HIS A 435 15.05 24.65 -0.78
C HIS A 435 15.63 25.80 -1.57
N PRO A 436 14.92 26.94 -1.59
CA PRO A 436 15.43 28.11 -2.35
C PRO A 436 16.88 28.46 -1.98
N ALA A 437 17.21 28.28 -0.70
CA ALA A 437 18.56 28.56 -0.18
C ALA A 437 19.62 27.68 -0.87
N PHE A 438 19.28 26.41 -1.07
CA PHE A 438 20.19 25.48 -1.72
C PHE A 438 20.32 25.70 -3.22
N ALA A 439 19.24 26.12 -3.87
CA ALA A 439 19.31 26.37 -5.31
C ALA A 439 20.26 27.54 -5.54
N ALA A 440 20.09 28.60 -4.74
CA ALA A 440 20.89 29.81 -4.79
C ALA A 440 22.33 29.59 -4.34
N ALA A 441 22.67 28.37 -3.98
CA ALA A 441 24.02 28.01 -3.54
C ALA A 441 24.52 28.81 -2.33
N GLU A 442 23.60 29.27 -1.50
CA GLU A 442 23.97 30.03 -0.31
C GLU A 442 24.56 29.07 0.72
N LEU A 443 25.73 28.52 0.38
CA LEU A 443 26.40 27.52 1.22
C LEU A 443 27.50 27.99 2.14
N ASP A 444 27.52 27.37 3.33
CA ASP A 444 28.50 27.59 4.37
C ASP A 444 28.22 26.44 5.34
N THR A 445 29.15 26.07 6.20
CA THR A 445 28.89 24.94 7.07
C THR A 445 27.80 25.07 8.13
N GLY A 446 27.09 26.20 8.15
CA GLY A 446 26.02 26.37 9.13
C GLY A 446 24.62 26.26 8.52
N PHE A 447 24.60 25.98 7.22
CA PHE A 447 23.36 25.84 6.43
C PHE A 447 22.31 24.94 7.06
N ILE A 448 22.76 23.85 7.64
CA ILE A 448 21.81 22.93 8.22
C ILE A 448 21.11 23.54 9.42
N ALA A 449 21.88 23.94 10.44
CA ALA A 449 21.28 24.52 11.64
C ALA A 449 20.56 25.84 11.40
N ARG A 450 20.85 26.49 10.29
CA ARG A 450 20.20 27.76 9.96
C ARG A 450 18.74 27.60 9.51
N HIS A 451 18.55 26.93 8.37
CA HIS A 451 17.21 26.71 7.82
C HIS A 451 16.46 25.55 8.46
N GLN A 452 16.91 25.07 9.62
CA GLN A 452 16.25 23.94 10.24
C GLN A 452 14.72 24.05 10.29
N ASP A 453 14.21 25.25 10.53
CA ASP A 453 12.77 25.44 10.59
C ASP A 453 12.04 24.99 9.33
N ASP A 454 12.69 25.13 8.18
CA ASP A 454 12.07 24.75 6.92
C ASP A 454 12.37 23.30 6.57
N LEU A 455 13.51 22.82 7.07
CA LEU A 455 13.97 21.45 6.79
C LEU A 455 13.32 20.39 7.66
N LEU A 456 13.05 20.74 8.92
CA LEU A 456 12.44 19.81 9.86
C LEU A 456 11.12 20.33 10.40
N PRO A 457 10.11 20.46 9.53
CA PRO A 457 8.78 20.95 9.92
C PRO A 457 8.17 20.17 11.10
N ALA A 458 6.85 20.01 11.07
CA ALA A 458 6.11 19.28 12.09
C ALA A 458 4.75 18.92 11.49
N PRO A 459 4.37 17.63 11.55
CA PRO A 459 3.13 17.02 11.05
C PRO A 459 1.79 17.80 11.19
N GLN A 460 0.85 17.50 10.28
CA GLN A 460 -0.46 18.16 10.27
C GLN A 460 -1.72 17.27 10.29
N ALA A 461 -1.68 16.15 11.01
CA ALA A 461 -2.84 15.26 11.14
C ALA A 461 -3.43 14.58 9.88
N LEU A 462 -3.17 15.14 8.69
CA LEU A 462 -3.69 14.57 7.45
C LEU A 462 -5.15 14.94 7.28
N PRO A 463 -5.56 15.34 6.07
CA PRO A 463 -6.94 15.74 5.75
C PRO A 463 -7.88 14.62 5.34
N GLU A 464 -9.19 14.88 5.36
CA GLU A 464 -10.17 13.89 4.93
C GLU A 464 -9.84 13.63 3.47
N HIS A 465 -9.01 14.51 2.93
CA HIS A 465 -8.53 14.45 1.56
C HIS A 465 -7.68 13.17 1.47
N PHE A 466 -6.95 12.90 2.55
CA PHE A 466 -6.03 11.75 2.68
C PHE A 466 -6.67 10.40 2.97
N TRP A 467 -7.51 10.33 3.99
CA TRP A 467 -8.14 9.07 4.37
C TRP A 467 -8.90 8.47 3.19
N GLN A 468 -9.61 9.28 2.44
CA GLN A 468 -10.32 8.73 1.29
C GLN A 468 -9.29 8.05 0.37
N ALA A 469 -8.18 8.74 0.13
CA ALA A 469 -7.10 8.21 -0.71
C ALA A 469 -6.54 6.91 -0.14
N ALA A 470 -6.17 6.92 1.14
CA ALA A 470 -5.62 5.74 1.79
C ALA A 470 -6.62 4.56 1.72
N ALA A 471 -7.88 4.83 2.06
CA ALA A 471 -8.87 3.78 2.01
C ALA A 471 -8.85 3.16 0.63
N GLU A 472 -9.19 3.95 -0.37
CA GLU A 472 -9.23 3.43 -1.74
C GLU A 472 -8.04 2.55 -2.01
N ALA A 473 -6.87 3.06 -1.64
CA ALA A 473 -5.62 2.34 -1.85
C ALA A 473 -5.67 0.99 -1.16
N TRP A 474 -5.87 0.99 0.15
CA TRP A 474 -5.92 -0.27 0.88
C TRP A 474 -6.93 -1.21 0.28
N LEU A 475 -8.17 -0.77 0.20
CA LEU A 475 -9.22 -1.61 -0.35
C LEU A 475 -8.77 -2.26 -1.64
N GLN A 476 -8.08 -1.50 -2.47
CA GLN A 476 -7.64 -2.05 -3.74
C GLN A 476 -6.37 -2.91 -3.68
N SER A 477 -5.77 -3.03 -2.49
CA SER A 477 -4.57 -3.83 -2.34
C SER A 477 -5.00 -5.12 -1.67
N GLU A 478 -6.31 -5.22 -1.45
CA GLU A 478 -6.93 -6.35 -0.81
C GLU A 478 -7.98 -6.87 -1.76
N PRO A 479 -7.58 -7.81 -2.61
CA PRO A 479 -8.46 -8.44 -3.61
C PRO A 479 -9.78 -8.95 -3.00
N GLY A 480 -9.93 -10.25 -2.80
CA GLY A 480 -11.20 -10.68 -2.24
C GLY A 480 -11.33 -12.16 -1.97
N HIS A 481 -10.30 -12.90 -2.33
CA HIS A 481 -10.28 -14.34 -2.14
C HIS A 481 -11.08 -15.01 -3.24
N ARG A 482 -10.38 -15.71 -4.10
CA ARG A 482 -10.98 -16.40 -5.18
C ARG A 482 -10.92 -17.80 -4.69
N ARG A 483 -12.04 -18.50 -4.62
CA ARG A 483 -12.01 -19.85 -4.15
C ARG A 483 -11.92 -20.82 -5.31
N ASP A 484 -11.10 -21.87 -5.12
CA ASP A 484 -10.94 -22.89 -6.14
C ASP A 484 -12.32 -23.48 -6.39
N ASP A 485 -13.16 -23.50 -5.36
CA ASP A 485 -14.54 -23.97 -5.44
C ASP A 485 -15.31 -23.35 -6.60
N ASP A 486 -15.14 -22.03 -6.77
CA ASP A 486 -15.91 -21.24 -7.73
C ASP A 486 -15.09 -19.94 -7.97
N PRO A 487 -14.05 -20.03 -8.83
CA PRO A 487 -13.03 -19.08 -9.29
C PRO A 487 -13.45 -17.76 -9.92
N HIS A 488 -14.63 -17.72 -10.54
CA HIS A 488 -15.07 -16.47 -11.16
C HIS A 488 -16.24 -15.84 -10.41
N SER A 489 -16.42 -16.27 -9.17
CA SER A 489 -17.53 -15.76 -8.39
C SER A 489 -17.56 -14.25 -8.30
N PRO A 490 -18.65 -13.63 -8.75
CA PRO A 490 -18.78 -12.17 -8.68
C PRO A 490 -18.67 -11.72 -7.24
N TRP A 491 -18.79 -12.66 -6.29
CA TRP A 491 -18.65 -12.33 -4.86
C TRP A 491 -17.19 -11.94 -4.48
N SER A 492 -16.24 -12.03 -5.40
CA SER A 492 -14.85 -11.68 -5.10
C SER A 492 -14.51 -10.22 -5.29
N ARG A 493 -15.49 -9.44 -5.76
CA ARG A 493 -15.31 -8.02 -6.02
C ARG A 493 -15.06 -7.18 -4.75
N ASN A 494 -14.06 -6.32 -4.80
CA ASN A 494 -13.74 -5.46 -3.67
C ASN A 494 -14.53 -4.15 -3.96
N ASP A 495 -15.46 -4.32 -4.89
CA ASP A 495 -16.41 -3.36 -5.45
C ASP A 495 -17.28 -2.51 -4.51
N GLY A 496 -17.98 -3.18 -3.61
CA GLY A 496 -18.86 -2.50 -2.69
C GLY A 496 -20.26 -2.55 -3.27
N TRP A 497 -20.43 -3.30 -4.35
CA TRP A 497 -21.74 -3.42 -5.00
C TRP A 497 -22.92 -3.52 -4.03
N ARG A 498 -23.95 -2.73 -4.28
CA ARG A 498 -25.14 -2.83 -3.46
C ARG A 498 -26.28 -2.89 -4.46
N SER A 499 -27.44 -3.40 -4.02
CA SER A 499 -28.54 -3.52 -4.94
C SER A 499 -28.99 -2.26 -5.65
N ALA A 500 -29.97 -1.54 -5.13
CA ALA A 500 -30.36 -0.35 -5.90
C ALA A 500 -29.59 0.90 -5.54
N LEU A 501 -29.04 0.93 -4.33
CA LEU A 501 -28.29 2.08 -3.88
C LEU A 501 -26.87 2.15 -4.39
N ALA A 502 -26.02 2.95 -3.77
CA ALA A 502 -24.65 3.08 -4.25
C ALA A 502 -23.66 2.25 -3.48
N ARG A 503 -22.57 1.90 -4.18
CA ARG A 503 -21.48 1.11 -3.63
C ARG A 503 -21.06 1.55 -2.25
N GLU A 504 -21.12 0.63 -1.32
CA GLU A 504 -20.74 0.89 0.07
C GLU A 504 -19.56 0.01 0.49
N SER A 505 -18.54 0.63 1.06
CA SER A 505 -17.37 -0.10 1.55
C SER A 505 -16.99 0.71 2.77
N ASP A 506 -16.71 0.06 3.89
CA ASP A 506 -16.32 0.79 5.11
C ASP A 506 -15.01 0.21 5.59
N LEU A 507 -14.01 1.05 5.85
CA LEU A 507 -12.74 0.51 6.33
C LEU A 507 -12.24 1.13 7.62
N MET A 508 -11.78 0.29 8.55
CA MET A 508 -11.24 0.77 9.82
C MET A 508 -9.73 0.84 9.70
N LEU A 509 -9.25 1.98 9.22
CA LEU A 509 -7.82 2.21 9.01
C LEU A 509 -7.17 2.97 10.15
N ARG A 510 -5.87 2.77 10.29
CA ARG A 510 -5.09 3.36 11.34
C ARG A 510 -3.70 3.74 10.83
N CYS A 511 -3.44 5.04 10.68
CA CYS A 511 -2.14 5.52 10.21
C CYS A 511 -1.39 6.18 11.36
N ARG A 512 -0.13 5.81 11.53
CA ARG A 512 0.65 6.36 12.64
C ARG A 512 -0.09 5.95 13.91
N ASP A 513 -0.43 6.95 14.72
CA ASP A 513 -1.14 6.70 15.98
C ASP A 513 -2.50 7.38 15.93
N GLU A 514 -3.13 7.29 14.77
CA GLU A 514 -4.44 7.89 14.57
C GLU A 514 -5.31 6.88 13.81
N ARG A 515 -6.62 6.94 14.00
CA ARG A 515 -7.45 6.00 13.28
C ARG A 515 -8.76 6.61 12.85
N ARG A 516 -9.16 6.30 11.62
CA ARG A 516 -10.40 6.80 11.03
C ARG A 516 -11.24 5.62 10.53
N CYS A 517 -12.53 5.86 10.34
CA CYS A 517 -13.42 4.83 9.83
C CYS A 517 -13.90 5.25 8.45
N VAL A 518 -12.97 5.35 7.51
CA VAL A 518 -13.33 5.72 6.15
C VAL A 518 -14.50 4.92 5.57
N ARG A 519 -15.52 5.64 5.13
CA ARG A 519 -16.68 5.04 4.53
C ARG A 519 -16.61 5.48 3.07
N LEU A 520 -16.42 4.53 2.17
CA LEU A 520 -16.32 4.84 0.75
C LEU A 520 -17.65 4.66 0.08
N ARG A 521 -18.14 5.72 -0.55
CA ARG A 521 -19.40 5.66 -1.25
C ARG A 521 -19.18 6.29 -2.61
N HIS A 522 -19.74 5.65 -3.63
CA HIS A 522 -19.61 6.15 -4.98
C HIS A 522 -20.58 5.51 -5.99
N ALA A 523 -21.59 6.27 -6.39
CA ALA A 523 -22.55 5.81 -7.39
C ALA A 523 -21.89 6.19 -8.72
N SER A 524 -20.58 6.48 -8.59
CA SER A 524 -19.67 6.86 -9.66
C SER A 524 -18.40 6.00 -9.49
N PRO A 525 -18.36 4.81 -10.12
CA PRO A 525 -17.24 3.85 -10.08
C PRO A 525 -15.83 4.45 -10.16
N SER A 526 -15.74 5.63 -10.80
CA SER A 526 -14.48 6.34 -10.98
C SER A 526 -13.74 6.69 -9.68
N GLN A 527 -13.05 7.82 -9.69
CA GLN A 527 -12.27 8.30 -8.55
C GLN A 527 -10.83 7.76 -8.49
N TYR A 528 -10.65 6.56 -7.93
CA TYR A 528 -9.31 5.97 -7.82
C TYR A 528 -9.19 4.62 -8.48
N ARG A 529 -7.95 4.30 -8.86
CA ARG A 529 -7.64 3.00 -9.43
C ARG A 529 -6.22 2.78 -8.92
N LEU A 530 -5.63 1.64 -9.24
CA LEU A 530 -4.31 1.38 -8.72
C LEU A 530 -3.63 0.30 -9.53
N ASP A 531 -2.47 0.63 -10.10
CA ASP A 531 -1.68 -0.32 -10.88
C ASP A 531 -0.23 -0.33 -10.40
N GLY A 532 0.32 -1.51 -10.18
CA GLY A 532 1.70 -1.62 -9.73
C GLY A 532 1.85 -0.94 -8.38
N ASP A 533 2.70 0.08 -8.31
CA ASP A 533 2.89 0.80 -7.05
C ASP A 533 2.46 2.25 -7.21
N ASP A 534 1.46 2.47 -8.06
CA ASP A 534 0.94 3.81 -8.37
C ASP A 534 -0.54 3.98 -8.09
N LEU A 535 -0.90 4.90 -7.20
CA LEU A 535 -2.32 5.15 -6.96
C LEU A 535 -2.71 6.33 -7.86
N VAL A 536 -3.55 6.02 -8.83
CA VAL A 536 -4.02 7.03 -9.78
C VAL A 536 -5.34 7.66 -9.31
N SER A 537 -5.28 8.89 -8.83
CA SER A 537 -6.48 9.55 -8.34
C SER A 537 -7.03 10.64 -9.27
N ARG A 538 -8.34 10.87 -9.22
CA ARG A 538 -8.98 11.89 -10.06
C ARG A 538 -9.84 12.84 -9.26
N VAL A 539 -9.21 13.78 -8.55
CA VAL A 539 -9.93 14.78 -7.76
C VAL A 539 -10.60 15.75 -8.73
N ASP A 540 -11.74 15.32 -9.29
CA ASP A 540 -12.53 16.09 -10.25
C ASP A 540 -11.73 17.05 -11.14
N GLY A 541 -11.28 16.54 -12.28
CA GLY A 541 -10.51 17.35 -13.19
C GLY A 541 -9.02 17.08 -13.19
N VAL A 542 -8.42 16.95 -12.00
CA VAL A 542 -6.98 16.71 -11.94
C VAL A 542 -6.57 15.27 -11.66
N THR A 543 -6.06 14.60 -12.69
CA THR A 543 -5.60 13.23 -12.56
C THR A 543 -4.17 13.24 -12.06
N ARG A 544 -3.97 12.87 -10.81
CA ARG A 544 -2.63 12.84 -10.24
C ARG A 544 -2.29 11.37 -9.90
N ARG A 545 -0.99 11.06 -9.75
CA ARG A 545 -0.60 9.68 -9.41
C ARG A 545 0.54 9.72 -8.40
N SER A 546 0.43 8.91 -7.35
CA SER A 546 1.44 8.85 -6.29
C SER A 546 1.78 7.40 -5.91
N ALA A 547 2.78 7.23 -5.05
CA ALA A 547 3.18 5.88 -4.64
C ALA A 547 2.23 5.34 -3.60
N ALA A 548 2.01 4.04 -3.69
CA ALA A 548 1.15 3.30 -2.79
C ALA A 548 1.75 1.92 -2.98
N LEU A 549 2.48 1.45 -1.97
CA LEU A 549 3.12 0.15 -1.99
C LEU A 549 2.70 -0.67 -0.81
N ARG A 550 2.28 -1.90 -1.10
CA ARG A 550 1.82 -2.82 -0.09
C ARG A 550 2.90 -3.81 0.23
N ARG A 551 3.28 -3.85 1.49
CA ARG A 551 4.29 -4.79 1.95
C ARG A 551 3.73 -5.38 3.22
N GLY A 552 3.27 -6.62 3.12
CA GLY A 552 2.72 -7.26 4.28
C GLY A 552 1.37 -6.67 4.64
N ARG A 553 1.10 -6.61 5.94
CA ARG A 553 -0.18 -6.10 6.41
C ARG A 553 -0.18 -4.58 6.45
N GLN A 554 0.85 -4.00 5.83
CA GLN A 554 1.05 -2.54 5.78
C GLN A 554 0.97 -1.91 4.40
N LEU A 555 0.33 -0.74 4.33
CA LEU A 555 0.23 0.00 3.06
C LEU A 555 0.97 1.33 3.20
N PHE A 556 2.09 1.42 2.49
CA PHE A 556 2.91 2.62 2.51
C PHE A 556 2.46 3.55 1.42
N LEU A 557 1.87 4.68 1.81
CA LEU A 557 1.38 5.68 0.87
C LEU A 557 2.23 6.96 0.82
N GLU A 558 2.49 7.45 -0.38
CA GLU A 558 3.27 8.67 -0.59
C GLU A 558 2.31 9.81 -0.40
N TRP A 559 2.56 10.68 0.56
CA TRP A 559 1.66 11.80 0.77
C TRP A 559 2.46 13.02 1.18
N GLU A 560 2.40 14.04 0.32
CA GLU A 560 3.10 15.29 0.55
C GLU A 560 4.60 15.06 0.84
N GLY A 561 5.23 14.24 0.01
CA GLY A 561 6.65 13.96 0.14
C GLY A 561 7.07 13.29 1.44
N GLU A 562 6.20 12.43 1.95
CA GLU A 562 6.47 11.71 3.17
C GLU A 562 5.69 10.38 3.14
N LEU A 563 6.43 9.27 3.29
CA LEU A 563 5.83 7.95 3.25
C LEU A 563 5.06 7.69 4.54
N LEU A 564 3.79 7.36 4.41
CA LEU A 564 2.96 7.10 5.56
C LEU A 564 2.57 5.64 5.55
N ALA A 565 2.71 4.99 6.71
CA ALA A 565 2.37 3.58 6.84
C ALA A 565 0.92 3.50 7.29
N ILE A 566 0.11 2.73 6.58
CA ILE A 566 -1.30 2.58 6.92
C ILE A 566 -1.57 1.09 7.07
N GLU A 567 -2.45 0.73 8.01
CA GLU A 567 -2.82 -0.67 8.22
C GLU A 567 -4.24 -0.76 8.75
N ALA A 568 -4.83 -1.94 8.72
CA ALA A 568 -6.19 -2.04 9.22
C ALA A 568 -6.23 -2.22 10.72
N VAL A 569 -7.24 -1.61 11.33
CA VAL A 569 -7.40 -1.75 12.76
C VAL A 569 -7.89 -3.17 13.03
N ASP A 570 -7.31 -3.77 14.07
CA ASP A 570 -7.69 -5.12 14.46
C ASP A 570 -8.41 -5.07 15.81
N PRO A 571 -9.75 -5.05 15.79
CA PRO A 571 -10.54 -5.02 17.02
C PRO A 571 -10.08 -6.02 18.05
N ILE A 572 -9.73 -7.23 17.61
CA ILE A 572 -9.32 -8.23 18.57
C ILE A 572 -7.96 -7.95 19.14
N ALA A 573 -6.96 -7.86 18.27
CA ALA A 573 -5.60 -7.59 18.71
C ALA A 573 -5.53 -6.58 19.85
N GLU A 574 -6.05 -5.38 19.60
CA GLU A 574 -6.01 -4.33 20.61
C GLU A 574 -6.91 -4.55 21.81
N ALA A 575 -8.17 -4.93 21.60
CA ALA A 575 -9.03 -5.18 22.75
C ALA A 575 -8.19 -5.95 23.76
N GLU A 576 -7.32 -6.83 23.26
CA GLU A 576 -6.42 -7.62 24.09
C GLU A 576 -5.24 -6.78 24.55
N ALA B 22 -25.85 -18.61 -32.01
CA ALA B 22 -24.99 -17.84 -31.05
C ALA B 22 -25.35 -16.34 -30.94
N ILE B 23 -24.35 -15.46 -31.12
CA ILE B 23 -24.50 -14.00 -31.00
C ILE B 23 -25.75 -13.29 -31.54
N LEU B 24 -26.40 -12.52 -30.67
CA LEU B 24 -27.63 -11.79 -30.99
C LEU B 24 -27.32 -10.40 -31.57
N HIS B 25 -28.11 -9.98 -32.56
CA HIS B 25 -27.97 -8.67 -33.18
C HIS B 25 -29.12 -7.81 -32.62
N THR B 26 -28.80 -6.65 -32.05
CA THR B 26 -29.83 -5.78 -31.46
C THR B 26 -30.53 -4.90 -32.50
N GLN B 27 -31.86 -4.90 -32.45
CA GLN B 27 -32.70 -4.10 -33.35
C GLN B 27 -33.14 -2.86 -32.59
N ILE B 28 -32.50 -2.62 -31.46
CA ILE B 28 -32.83 -1.48 -30.61
C ILE B 28 -31.94 -0.30 -30.91
N ASN B 29 -32.56 0.83 -31.20
CA ASN B 29 -31.86 2.08 -31.49
C ASN B 29 -31.78 2.95 -30.22
N PRO B 30 -30.61 2.95 -29.55
CA PRO B 30 -30.37 3.73 -28.33
C PRO B 30 -30.60 5.22 -28.48
N ARG B 31 -30.21 5.77 -29.63
CA ARG B 31 -30.38 7.20 -29.89
C ARG B 31 -31.70 7.58 -30.56
N SER B 32 -32.69 6.70 -30.45
CA SER B 32 -34.02 6.92 -31.01
C SER B 32 -34.87 7.72 -30.03
N ALA B 33 -36.11 8.02 -30.41
CA ALA B 33 -37.03 8.80 -29.56
C ALA B 33 -38.03 7.89 -28.83
N GLU B 34 -38.50 6.85 -29.52
CA GLU B 34 -39.42 5.89 -28.91
C GLU B 34 -38.64 5.27 -27.74
N PHE B 35 -37.33 5.18 -27.94
CA PHE B 35 -36.45 4.63 -26.95
C PHE B 35 -36.50 5.56 -25.75
N ALA B 36 -35.85 6.73 -25.85
CA ALA B 36 -35.81 7.69 -24.75
C ALA B 36 -37.12 7.76 -24.00
N ALA B 37 -38.23 7.53 -24.69
CA ALA B 37 -39.53 7.56 -24.05
C ALA B 37 -39.57 6.40 -23.03
N ASN B 38 -39.20 5.22 -23.50
CA ASN B 38 -39.16 4.02 -22.68
C ASN B 38 -38.20 4.17 -21.51
N ALA B 39 -37.01 4.67 -21.81
CA ALA B 39 -35.99 4.86 -20.78
C ALA B 39 -36.50 5.89 -19.82
N ALA B 40 -37.37 6.77 -20.33
CA ALA B 40 -37.95 7.83 -19.54
C ALA B 40 -38.73 7.27 -18.36
N THR B 41 -39.86 6.63 -18.63
CA THR B 41 -40.65 6.08 -17.55
C THR B 41 -39.85 5.09 -16.69
N MET B 42 -38.97 4.31 -17.30
CA MET B 42 -38.20 3.36 -16.52
C MET B 42 -37.26 4.02 -15.52
N LEU B 43 -36.34 4.84 -16.04
CA LEU B 43 -35.41 5.54 -15.16
C LEU B 43 -36.24 6.25 -14.09
N GLU B 44 -37.41 6.72 -14.50
CA GLU B 44 -38.29 7.41 -13.58
C GLU B 44 -38.59 6.53 -12.39
N GLN B 45 -38.91 5.28 -12.68
CA GLN B 45 -39.26 4.32 -11.65
C GLN B 45 -38.05 3.85 -10.88
N VAL B 46 -36.95 3.61 -11.57
CA VAL B 46 -35.77 3.16 -10.87
C VAL B 46 -35.44 4.21 -9.81
N ASN B 47 -35.70 5.47 -10.14
CA ASN B 47 -35.42 6.54 -9.21
C ASN B 47 -36.42 6.63 -8.07
N ALA B 48 -37.68 6.26 -8.32
CA ALA B 48 -38.65 6.27 -7.25
C ALA B 48 -38.08 5.29 -6.21
N LEU B 49 -37.69 4.12 -6.70
CA LEU B 49 -37.13 3.06 -5.88
C LEU B 49 -35.90 3.51 -5.10
N ARG B 50 -34.88 4.02 -5.78
CA ARG B 50 -33.67 4.49 -5.10
C ARG B 50 -33.99 5.43 -3.94
N THR B 51 -35.08 6.17 -4.08
CA THR B 51 -35.46 7.13 -3.05
C THR B 51 -36.09 6.44 -1.86
N LEU B 52 -37.10 5.62 -2.14
CA LEU B 52 -37.76 4.92 -1.07
C LEU B 52 -36.74 4.17 -0.24
N LEU B 53 -35.88 3.39 -0.91
CA LEU B 53 -34.82 2.61 -0.26
C LEU B 53 -34.01 3.56 0.56
N GLY B 54 -33.63 4.66 -0.07
CA GLY B 54 -32.84 5.66 0.62
C GLY B 54 -33.52 6.03 1.93
N ARG B 55 -34.85 6.12 1.89
CA ARG B 55 -35.62 6.46 3.07
C ARG B 55 -35.48 5.26 4.00
N ILE B 56 -35.92 4.12 3.49
CA ILE B 56 -35.91 2.87 4.23
C ILE B 56 -34.59 2.64 4.90
N HIS B 57 -33.53 3.22 4.35
CA HIS B 57 -32.20 3.07 4.93
C HIS B 57 -32.04 3.71 6.31
N GLU B 58 -32.97 4.59 6.68
CA GLU B 58 -32.88 5.27 7.95
C GLU B 58 -33.59 4.53 9.09
N GLY B 59 -34.24 3.43 8.79
CA GLY B 59 -34.92 2.68 9.83
C GLY B 59 -35.98 3.51 10.51
N GLY B 60 -35.66 3.97 11.72
CA GLY B 60 -36.61 4.80 12.46
C GLY B 60 -36.23 6.27 12.46
N GLY B 61 -35.78 6.77 11.31
CA GLY B 61 -35.40 8.16 11.20
C GLY B 61 -34.08 8.49 11.85
N SER B 62 -33.50 9.63 11.47
CA SER B 62 -32.22 10.04 12.03
C SER B 62 -32.40 10.20 13.56
N ALA B 63 -33.66 10.27 13.97
CA ALA B 63 -34.04 10.38 15.38
C ALA B 63 -33.43 9.20 16.13
N ALA B 64 -34.12 8.07 16.02
CA ALA B 64 -33.73 6.81 16.63
C ALA B 64 -32.27 6.45 16.32
N GLN B 65 -31.84 6.71 15.09
CA GLN B 65 -30.49 6.38 14.71
C GLN B 65 -29.46 7.12 15.56
N ALA B 66 -29.73 8.38 15.84
CA ALA B 66 -28.79 9.15 16.64
C ALA B 66 -28.81 8.58 18.05
N ARG B 67 -30.02 8.34 18.56
CA ARG B 67 -30.20 7.79 19.89
C ARG B 67 -29.35 6.53 20.00
N HIS B 68 -29.47 5.64 18.99
CA HIS B 68 -28.73 4.39 18.94
C HIS B 68 -27.21 4.65 18.94
N SER B 69 -26.72 5.43 17.99
CA SER B 69 -25.28 5.70 17.93
C SER B 69 -24.84 6.32 19.25
N ALA B 70 -25.75 7.08 19.86
CA ALA B 70 -25.56 7.76 21.16
C ALA B 70 -25.16 6.75 22.25
N ARG B 71 -25.87 5.61 22.29
CA ARG B 71 -25.61 4.54 23.26
C ARG B 71 -24.30 3.82 22.91
N GLY B 72 -23.56 4.37 21.93
CA GLY B 72 -22.29 3.81 21.52
C GLY B 72 -22.32 2.58 20.62
N LYS B 73 -23.51 2.25 20.14
CA LYS B 73 -23.73 1.08 19.28
C LYS B 73 -23.69 1.35 17.76
N LEU B 74 -23.19 0.38 17.00
CA LEU B 74 -23.16 0.49 15.54
C LEU B 74 -24.59 0.26 15.08
N LEU B 75 -24.96 0.84 13.95
CA LEU B 75 -26.30 0.64 13.43
C LEU B 75 -26.30 -0.71 12.68
N VAL B 76 -27.47 -1.30 12.54
CA VAL B 76 -27.57 -2.59 11.90
C VAL B 76 -26.79 -2.65 10.60
N ARG B 77 -26.92 -1.61 9.77
CA ARG B 77 -26.21 -1.60 8.50
C ARG B 77 -24.73 -1.28 8.64
N GLU B 78 -24.36 -0.68 9.76
CA GLU B 78 -22.96 -0.35 9.99
C GLU B 78 -22.30 -1.66 10.40
N ARG B 79 -23.06 -2.50 11.09
CA ARG B 79 -22.59 -3.79 11.56
C ARG B 79 -22.38 -4.70 10.34
N ILE B 80 -23.41 -4.76 9.51
CA ILE B 80 -23.36 -5.55 8.30
C ILE B 80 -22.15 -5.19 7.43
N ASN B 81 -21.84 -3.90 7.29
CA ASN B 81 -20.71 -3.50 6.47
C ASN B 81 -19.35 -3.83 7.09
N ARG B 82 -19.30 -3.90 8.43
CA ARG B 82 -18.05 -4.20 9.16
C ARG B 82 -17.81 -5.68 9.23
N LEU B 83 -18.89 -6.44 9.26
CA LEU B 83 -18.83 -7.87 9.33
C LEU B 83 -18.28 -8.42 8.01
N LEU B 84 -18.74 -7.83 6.91
CA LEU B 84 -18.34 -8.28 5.57
C LEU B 84 -16.89 -8.16 5.24
N ASP B 85 -16.52 -8.86 4.17
CA ASP B 85 -15.16 -8.76 3.73
C ASP B 85 -15.01 -7.44 2.99
N PRO B 86 -13.88 -6.77 3.20
CA PRO B 86 -13.57 -5.48 2.59
C PRO B 86 -13.99 -5.34 1.14
N GLY B 87 -15.02 -4.53 0.91
CA GLY B 87 -15.43 -4.30 -0.46
C GLY B 87 -16.48 -5.25 -0.98
N SER B 88 -16.77 -6.26 -0.18
CA SER B 88 -17.75 -7.27 -0.57
C SER B 88 -19.09 -6.76 -1.05
N PRO B 89 -19.65 -7.44 -2.04
CA PRO B 89 -20.97 -7.03 -2.53
C PRO B 89 -21.90 -7.49 -1.38
N PHE B 90 -23.13 -7.02 -1.38
CA PHE B 90 -24.09 -7.46 -0.38
C PHE B 90 -25.42 -7.50 -1.09
N LEU B 91 -26.08 -8.65 -1.08
CA LEU B 91 -27.33 -8.78 -1.80
C LEU B 91 -28.48 -8.65 -0.83
N GLU B 92 -28.93 -7.43 -0.54
CA GLU B 92 -30.02 -7.26 0.42
C GLU B 92 -31.32 -7.88 -0.04
N LEU B 93 -31.96 -8.61 0.85
CA LEU B 93 -33.23 -9.27 0.54
C LEU B 93 -34.40 -8.52 1.13
N SER B 94 -35.41 -8.33 0.31
CA SER B 94 -36.63 -7.67 0.72
C SER B 94 -36.46 -6.42 1.58
N ALA B 95 -36.10 -5.30 0.96
CA ALA B 95 -35.94 -4.07 1.74
C ALA B 95 -37.29 -3.36 1.88
N LEU B 96 -38.15 -3.57 0.89
CA LEU B 96 -39.46 -2.99 0.88
C LEU B 96 -40.42 -3.74 1.80
N ALA B 97 -39.85 -4.61 2.65
CA ALA B 97 -40.67 -5.37 3.57
C ALA B 97 -41.48 -4.43 4.44
N ALA B 98 -42.75 -4.78 4.62
CA ALA B 98 -43.70 -4.03 5.45
C ALA B 98 -44.17 -2.69 4.90
N HIS B 99 -43.46 -2.15 3.93
CA HIS B 99 -43.84 -0.86 3.38
C HIS B 99 -45.34 -0.68 3.28
N GLU B 100 -45.82 0.42 3.88
CA GLU B 100 -47.23 0.79 3.89
C GLU B 100 -48.15 -0.38 4.13
N VAL B 101 -47.79 -1.20 5.11
CA VAL B 101 -48.60 -2.36 5.42
C VAL B 101 -49.25 -2.16 6.77
N TYR B 102 -48.52 -1.54 7.69
CA TYR B 102 -49.05 -1.36 9.04
C TYR B 102 -49.55 0.05 9.30
N GLY B 103 -49.57 0.43 10.57
CA GLY B 103 -49.99 1.76 10.91
C GLY B 103 -48.85 2.62 10.40
N GLU B 104 -47.90 2.90 11.29
CA GLU B 104 -46.77 3.71 10.88
C GLU B 104 -45.78 2.89 10.06
N GLU B 105 -44.55 3.37 10.04
CA GLU B 105 -43.48 2.74 9.30
C GLU B 105 -42.77 1.70 10.13
N VAL B 106 -42.23 0.72 9.42
CA VAL B 106 -41.48 -0.39 9.97
C VAL B 106 -40.50 -0.62 8.84
N ALA B 107 -39.49 0.24 8.77
CA ALA B 107 -38.51 0.15 7.71
C ALA B 107 -37.96 -1.27 7.56
N ALA B 108 -38.08 -1.81 6.33
CA ALA B 108 -37.58 -3.14 6.01
C ALA B 108 -38.00 -4.18 7.06
N ALA B 109 -39.16 -3.94 7.64
CA ALA B 109 -39.73 -4.78 8.68
C ALA B 109 -38.81 -4.84 9.91
N GLY B 110 -37.83 -3.94 9.97
CA GLY B 110 -36.94 -3.90 11.09
C GLY B 110 -35.90 -5.01 11.13
N ILE B 111 -35.57 -5.51 9.96
CA ILE B 111 -34.60 -6.56 9.94
C ILE B 111 -33.93 -6.42 8.60
N VAL B 112 -32.61 -6.42 8.61
CA VAL B 112 -31.87 -6.28 7.38
C VAL B 112 -31.24 -7.64 7.01
N ALA B 113 -31.73 -8.20 5.91
CA ALA B 113 -31.26 -9.50 5.42
C ALA B 113 -30.49 -9.40 4.12
N GLY B 114 -29.56 -10.32 3.90
CA GLY B 114 -28.81 -10.30 2.67
C GLY B 114 -27.62 -11.25 2.71
N ILE B 115 -27.15 -11.59 1.53
CA ILE B 115 -26.02 -12.48 1.35
C ILE B 115 -24.74 -11.67 1.11
N GLY B 116 -23.68 -12.00 1.84
CA GLY B 116 -22.41 -11.30 1.66
C GLY B 116 -21.22 -12.20 2.02
N ARG B 117 -20.04 -11.85 1.53
CA ARG B 117 -18.84 -12.64 1.84
C ARG B 117 -18.32 -12.34 3.23
N VAL B 118 -17.92 -13.40 3.91
CA VAL B 118 -17.37 -13.25 5.23
C VAL B 118 -16.31 -14.34 5.25
N GLU B 119 -15.05 -13.92 5.28
CA GLU B 119 -13.91 -14.84 5.31
C GLU B 119 -14.02 -15.84 4.17
N GLY B 120 -14.24 -15.28 2.99
CA GLY B 120 -14.32 -16.03 1.76
C GLY B 120 -15.55 -16.89 1.61
N VAL B 121 -16.44 -16.84 2.58
CA VAL B 121 -17.64 -17.67 2.49
C VAL B 121 -18.88 -16.82 2.28
N GLU B 122 -19.77 -17.25 1.40
CA GLU B 122 -20.99 -16.45 1.20
C GLU B 122 -21.94 -16.81 2.33
N CYS B 123 -22.31 -15.82 3.15
CA CYS B 123 -23.20 -16.07 4.30
C CYS B 123 -24.51 -15.30 4.25
N MET B 124 -25.54 -15.89 4.87
CA MET B 124 -26.85 -15.27 5.01
C MET B 124 -26.73 -14.45 6.30
N ILE B 125 -26.87 -13.14 6.19
CA ILE B 125 -26.76 -12.26 7.33
C ILE B 125 -28.15 -11.74 7.67
N VAL B 126 -28.51 -11.77 8.93
CA VAL B 126 -29.82 -11.28 9.31
C VAL B 126 -29.68 -10.49 10.61
N GLY B 127 -29.97 -9.20 10.52
CA GLY B 127 -29.85 -8.32 11.67
C GLY B 127 -31.12 -7.55 12.02
N ASN B 128 -31.33 -7.33 13.32
CA ASN B 128 -32.50 -6.59 13.76
C ASN B 128 -32.15 -5.11 13.79
N ASP B 129 -33.03 -4.30 13.24
CA ASP B 129 -32.80 -2.88 13.25
C ASP B 129 -33.42 -2.46 14.55
N ALA B 130 -32.59 -2.32 15.59
CA ALA B 130 -33.10 -1.93 16.91
C ALA B 130 -33.85 -0.59 16.86
N THR B 131 -33.51 0.25 15.90
CA THR B 131 -34.15 1.53 15.74
C THR B 131 -35.49 1.48 15.01
N VAL B 132 -36.19 0.36 15.04
CA VAL B 132 -37.49 0.32 14.38
C VAL B 132 -38.34 -0.41 15.39
N LYS B 133 -39.12 0.34 16.18
CA LYS B 133 -39.96 -0.22 17.23
C LYS B 133 -39.09 -1.05 18.19
N GLY B 134 -37.88 -0.58 18.41
CA GLY B 134 -36.95 -1.28 19.28
C GLY B 134 -36.64 -2.65 18.75
N GLY B 135 -36.66 -2.80 17.43
CA GLY B 135 -36.38 -4.09 16.81
C GLY B 135 -37.38 -5.15 17.21
N THR B 136 -38.65 -4.79 17.20
CA THR B 136 -39.71 -5.72 17.59
C THR B 136 -40.40 -6.45 16.43
N TYR B 137 -40.42 -7.78 16.49
CA TYR B 137 -41.01 -8.54 15.40
C TYR B 137 -42.48 -8.33 15.08
N TYR B 138 -42.74 -7.71 13.93
CA TYR B 138 -44.10 -7.54 13.46
C TYR B 138 -44.25 -8.81 12.69
N PRO B 139 -45.49 -9.19 12.39
CA PRO B 139 -45.71 -10.43 11.63
C PRO B 139 -44.73 -10.53 10.46
N LEU B 140 -44.69 -9.51 9.60
CA LEU B 140 -43.78 -9.54 8.46
C LEU B 140 -42.31 -9.62 8.83
N THR B 141 -41.96 -9.20 10.04
CA THR B 141 -40.58 -9.31 10.48
C THR B 141 -40.26 -10.80 10.57
N VAL B 142 -41.17 -11.54 11.19
CA VAL B 142 -40.99 -12.96 11.32
C VAL B 142 -40.95 -13.60 9.93
N LYS B 143 -41.97 -13.33 9.13
CA LYS B 143 -42.02 -13.86 7.78
C LYS B 143 -40.67 -13.66 7.04
N LYS B 144 -40.11 -12.44 7.11
CA LYS B 144 -38.83 -12.14 6.48
C LYS B 144 -37.66 -12.91 7.14
N HIS B 145 -37.56 -12.93 8.46
CA HIS B 145 -36.48 -13.67 9.13
C HIS B 145 -36.51 -15.11 8.63
N LEU B 146 -37.69 -15.71 8.61
CA LEU B 146 -37.83 -17.07 8.13
C LEU B 146 -37.39 -17.18 6.66
N ARG B 147 -37.92 -16.30 5.83
CA ARG B 147 -37.61 -16.26 4.40
C ARG B 147 -36.12 -16.29 4.18
N ALA B 148 -35.40 -15.58 5.03
CA ALA B 148 -33.94 -15.56 4.90
C ALA B 148 -33.39 -16.97 5.15
N GLN B 149 -33.90 -17.63 6.17
CA GLN B 149 -33.43 -18.96 6.49
C GLN B 149 -33.82 -19.93 5.38
N ALA B 150 -35.01 -19.75 4.85
CA ALA B 150 -35.47 -20.62 3.79
C ALA B 150 -34.37 -20.58 2.73
N ILE B 151 -33.90 -19.37 2.45
CA ILE B 151 -32.87 -19.20 1.45
C ILE B 151 -31.55 -19.81 1.92
N ALA B 152 -31.21 -19.56 3.17
CA ALA B 152 -29.98 -20.09 3.70
C ALA B 152 -29.95 -21.61 3.66
N LEU B 153 -31.09 -22.25 3.89
CA LEU B 153 -31.14 -23.71 3.86
C LEU B 153 -30.98 -24.25 2.45
N GLU B 154 -31.85 -23.78 1.56
CA GLU B 154 -31.89 -24.21 0.17
C GLU B 154 -30.62 -24.00 -0.58
N ASN B 155 -29.84 -23.02 -0.17
CA ASN B 155 -28.61 -22.73 -0.87
C ASN B 155 -27.40 -23.04 -0.04
N ARG B 156 -27.66 -23.67 1.10
CA ARG B 156 -26.59 -24.06 2.00
C ARG B 156 -25.70 -22.88 2.32
N LEU B 157 -26.28 -21.79 2.84
CA LEU B 157 -25.50 -20.60 3.19
C LEU B 157 -25.38 -20.48 4.71
N PRO B 158 -24.14 -20.50 5.26
CA PRO B 158 -23.97 -20.39 6.71
C PRO B 158 -24.75 -19.18 7.21
N CYS B 159 -25.26 -19.22 8.44
CA CYS B 159 -25.98 -18.03 8.94
C CYS B 159 -25.29 -17.22 10.04
N ILE B 160 -25.49 -15.91 9.97
CA ILE B 160 -24.96 -15.01 10.97
C ILE B 160 -26.07 -14.04 11.36
N TYR B 161 -26.60 -14.24 12.57
CA TYR B 161 -27.69 -13.41 13.11
C TYR B 161 -27.09 -12.33 14.04
N LEU B 162 -27.34 -11.07 13.70
CA LEU B 162 -26.85 -9.98 14.53
C LEU B 162 -28.08 -9.64 15.36
N VAL B 163 -28.13 -10.19 16.57
CA VAL B 163 -29.27 -10.01 17.47
C VAL B 163 -29.27 -8.69 18.23
N ASP B 164 -30.45 -8.07 18.25
CA ASP B 164 -30.67 -6.79 18.90
C ASP B 164 -32.16 -6.53 18.79
N SER B 165 -32.96 -7.03 19.72
CA SER B 165 -34.41 -6.83 19.65
C SER B 165 -35.12 -6.46 20.96
N GLY B 166 -36.21 -5.71 20.83
CA GLY B 166 -36.99 -5.27 21.97
C GLY B 166 -38.33 -5.97 22.11
N GLY B 167 -38.41 -7.17 21.53
CA GLY B 167 -39.62 -7.96 21.62
C GLY B 167 -40.11 -8.71 20.40
N ALA B 168 -41.16 -9.51 20.61
CA ALA B 168 -41.81 -10.30 19.57
C ALA B 168 -43.22 -9.68 19.46
N ASN B 169 -43.27 -8.41 19.87
CA ASN B 169 -44.46 -7.52 19.89
C ASN B 169 -45.05 -7.45 21.30
N LEU B 170 -44.73 -6.39 22.03
CA LEU B 170 -45.22 -6.19 23.41
C LEU B 170 -46.74 -5.95 23.52
N PRO B 171 -47.30 -5.01 22.73
CA PRO B 171 -48.74 -4.72 22.80
C PRO B 171 -49.59 -5.70 21.96
N HIS B 182 -45.05 -18.11 11.63
CA HIS B 182 -44.93 -17.50 12.95
C HIS B 182 -43.81 -18.06 13.85
N PHE B 183 -43.11 -17.13 14.51
CA PHE B 183 -41.96 -17.28 15.44
C PHE B 183 -41.73 -18.67 16.04
N GLY B 184 -40.51 -18.94 16.47
CA GLY B 184 -40.27 -20.26 17.04
C GLY B 184 -39.94 -21.23 15.92
N ARG B 185 -40.65 -21.06 14.80
CA ARG B 185 -40.43 -21.82 13.60
C ARG B 185 -38.95 -21.49 13.32
N ILE B 186 -38.61 -20.25 13.66
CA ILE B 186 -37.28 -19.72 13.51
C ILE B 186 -36.21 -20.65 14.12
N PHE B 187 -36.41 -21.06 15.37
CA PHE B 187 -35.48 -21.93 16.12
C PHE B 187 -35.43 -23.31 15.52
N PHE B 188 -36.59 -23.74 15.08
CA PHE B 188 -36.71 -25.01 14.44
C PHE B 188 -35.72 -24.98 13.26
N ASN B 189 -35.75 -23.88 12.50
CA ASN B 189 -34.87 -23.78 11.37
C ASN B 189 -33.39 -23.84 11.83
N GLN B 190 -33.03 -23.08 12.86
CA GLN B 190 -31.66 -23.10 13.35
C GLN B 190 -31.19 -24.54 13.62
N ALA B 191 -32.04 -25.33 14.24
CA ALA B 191 -31.71 -26.70 14.57
C ALA B 191 -31.50 -27.55 13.34
N ASN B 192 -32.44 -27.52 12.41
CA ASN B 192 -32.27 -28.32 11.23
C ASN B 192 -31.07 -27.90 10.36
N MET B 193 -30.81 -26.61 10.23
CA MET B 193 -29.67 -26.25 9.41
C MET B 193 -28.40 -26.71 10.12
N SER B 194 -28.37 -26.54 11.44
CA SER B 194 -27.20 -26.96 12.20
C SER B 194 -27.01 -28.43 11.93
N ALA B 195 -28.10 -29.20 12.02
CA ALA B 195 -28.05 -30.64 11.76
C ALA B 195 -27.52 -30.96 10.37
N ARG B 196 -27.85 -30.12 9.39
CA ARG B 196 -27.41 -30.35 8.01
C ARG B 196 -26.03 -29.84 7.75
N GLY B 197 -25.35 -29.40 8.80
CA GLY B 197 -24.01 -28.89 8.63
C GLY B 197 -23.91 -27.47 8.12
N ILE B 198 -25.01 -26.74 8.10
CA ILE B 198 -25.00 -25.34 7.67
C ILE B 198 -24.79 -24.54 8.97
N PRO B 199 -23.54 -24.18 9.31
CA PRO B 199 -23.24 -23.44 10.55
C PRO B 199 -24.06 -22.19 10.88
N GLN B 200 -24.59 -22.18 12.11
CA GLN B 200 -25.42 -21.10 12.66
C GLN B 200 -24.65 -20.26 13.66
N ILE B 201 -24.49 -18.97 13.34
CA ILE B 201 -23.79 -18.09 14.26
C ILE B 201 -24.61 -16.91 14.76
N ALA B 202 -24.56 -16.69 16.07
CA ALA B 202 -25.28 -15.58 16.68
C ALA B 202 -24.33 -14.52 17.22
N VAL B 203 -24.70 -13.27 17.03
CA VAL B 203 -23.89 -12.18 17.54
C VAL B 203 -24.89 -11.29 18.22
N VAL B 204 -24.85 -11.30 19.55
CA VAL B 204 -25.77 -10.48 20.31
C VAL B 204 -25.15 -9.13 20.66
N MET B 205 -25.73 -8.08 20.09
CA MET B 205 -25.23 -6.73 20.33
C MET B 205 -26.43 -5.86 20.72
N GLY B 206 -27.15 -6.32 21.72
CA GLY B 206 -28.31 -5.60 22.15
C GLY B 206 -29.17 -6.46 23.05
N SER B 207 -30.47 -6.37 22.85
CA SER B 207 -31.43 -7.09 23.67
C SER B 207 -31.90 -8.38 23.04
N CYS B 208 -32.12 -9.39 23.87
CA CYS B 208 -32.63 -10.66 23.40
C CYS B 208 -33.96 -10.83 24.14
N THR B 209 -34.88 -9.91 23.89
CA THR B 209 -36.19 -9.92 24.55
C THR B 209 -37.14 -10.97 24.02
N ALA B 210 -37.85 -11.60 24.95
CA ALA B 210 -38.82 -12.65 24.65
C ALA B 210 -38.16 -13.82 23.93
N GLY B 211 -38.70 -14.13 22.74
CA GLY B 211 -38.18 -15.22 21.94
C GLY B 211 -36.69 -15.05 21.76
N GLY B 212 -36.32 -13.94 21.10
CA GLY B 212 -34.93 -13.62 20.84
C GLY B 212 -33.87 -14.37 21.63
N ALA B 213 -34.06 -14.49 22.95
CA ALA B 213 -33.12 -15.19 23.83
C ALA B 213 -32.69 -16.58 23.33
N TYR B 214 -33.58 -17.22 22.56
CA TYR B 214 -33.30 -18.54 22.00
C TYR B 214 -32.47 -18.45 20.74
N VAL B 215 -32.63 -17.40 19.97
CA VAL B 215 -31.83 -17.26 18.78
C VAL B 215 -30.36 -17.57 19.08
N PRO B 216 -29.76 -16.92 20.08
CA PRO B 216 -28.36 -17.27 20.31
C PRO B 216 -28.22 -18.62 20.98
N ALA B 217 -29.26 -19.00 21.72
CA ALA B 217 -29.24 -20.26 22.43
C ALA B 217 -29.16 -21.38 21.41
N MET B 218 -29.88 -21.16 20.33
CA MET B 218 -29.97 -22.11 19.26
C MET B 218 -28.88 -22.02 18.20
N SER B 219 -27.77 -21.35 18.48
CA SER B 219 -26.71 -21.24 17.48
C SER B 219 -25.45 -21.98 17.91
N ASP B 220 -24.75 -22.53 16.92
CA ASP B 220 -23.55 -23.29 17.21
C ASP B 220 -22.57 -22.46 17.99
N GLU B 221 -22.47 -21.18 17.61
CA GLU B 221 -21.55 -20.23 18.26
C GLU B 221 -22.19 -18.89 18.45
N THR B 222 -22.10 -18.36 19.66
CA THR B 222 -22.66 -17.07 19.98
C THR B 222 -21.57 -16.10 20.44
N VAL B 223 -21.61 -14.88 19.93
CA VAL B 223 -20.67 -13.85 20.33
C VAL B 223 -21.58 -12.87 21.07
N MET B 224 -21.17 -12.52 22.28
CA MET B 224 -21.93 -11.66 23.19
C MET B 224 -21.19 -10.36 23.51
N VAL B 225 -21.91 -9.25 23.57
CA VAL B 225 -21.26 -7.97 23.93
C VAL B 225 -21.48 -7.82 25.43
N ARG B 226 -20.40 -7.62 26.19
CA ARG B 226 -20.50 -7.49 27.65
C ARG B 226 -20.64 -6.05 28.19
N GLU B 227 -21.45 -5.92 29.23
CA GLU B 227 -21.77 -4.66 29.93
C GLU B 227 -22.40 -3.58 29.04
N GLN B 228 -22.97 -4.00 27.91
CA GLN B 228 -23.63 -3.10 26.95
C GLN B 228 -24.90 -3.76 26.43
N ALA B 229 -24.75 -4.99 25.92
CA ALA B 229 -25.86 -5.76 25.35
C ALA B 229 -26.75 -6.48 26.37
N THR B 230 -27.78 -5.78 26.83
CA THR B 230 -28.71 -6.33 27.80
C THR B 230 -29.28 -7.70 27.40
N ILE B 231 -28.80 -8.74 28.08
CA ILE B 231 -29.25 -10.10 27.84
C ILE B 231 -30.42 -10.44 28.74
N PHE B 232 -31.61 -9.95 28.37
CA PHE B 232 -32.83 -10.21 29.16
C PHE B 232 -33.99 -10.83 28.36
N LEU B 233 -34.57 -11.89 28.93
CA LEU B 233 -35.69 -12.63 28.33
C LEU B 233 -36.93 -11.75 28.13
N CYS B 259 -22.60 -14.32 29.28
CA CYS B 259 -21.69 -15.34 28.75
C CYS B 259 -21.91 -16.72 29.42
N LYS B 260 -21.39 -16.84 30.65
CA LYS B 260 -21.45 -18.07 31.44
C LYS B 260 -22.63 -18.10 32.45
N VAL B 261 -23.42 -17.03 32.50
CA VAL B 261 -24.60 -16.93 33.38
C VAL B 261 -25.88 -17.20 32.55
N SER B 262 -25.85 -16.78 31.28
CA SER B 262 -26.94 -17.03 30.34
C SER B 262 -26.58 -18.41 29.78
N GLY B 263 -25.27 -18.68 29.74
CA GLY B 263 -24.75 -19.96 29.26
C GLY B 263 -25.06 -20.17 27.80
N VAL B 264 -25.37 -19.06 27.15
CA VAL B 264 -25.72 -19.03 25.75
C VAL B 264 -24.67 -18.29 24.92
N ALA B 265 -23.54 -17.96 25.55
CA ALA B 265 -22.46 -17.24 24.86
C ALA B 265 -21.16 -18.03 24.88
N ASP B 266 -20.48 -18.06 23.75
CA ASP B 266 -19.21 -18.80 23.68
C ASP B 266 -18.02 -17.85 23.46
N HIS B 267 -18.32 -16.58 23.18
CA HIS B 267 -17.34 -15.50 22.97
C HIS B 267 -17.91 -14.22 23.52
N TYR B 268 -17.09 -13.48 24.23
CA TYR B 268 -17.52 -12.24 24.89
C TYR B 268 -16.81 -11.08 24.18
N ALA B 269 -17.51 -9.96 24.00
CA ALA B 269 -16.89 -8.82 23.35
C ALA B 269 -17.11 -7.50 24.09
N GLU B 270 -16.11 -6.64 24.02
CA GLU B 270 -16.19 -5.32 24.65
C GLU B 270 -17.26 -4.49 23.97
N ASP B 271 -17.18 -4.40 22.65
CA ASP B 271 -18.13 -3.59 21.89
C ASP B 271 -18.48 -4.25 20.56
N ASP B 272 -19.46 -3.64 19.89
CA ASP B 272 -19.94 -4.05 18.58
C ASP B 272 -18.81 -4.30 17.60
N ASP B 273 -17.74 -3.53 17.66
CA ASP B 273 -16.67 -3.76 16.72
C ASP B 273 -15.91 -5.05 17.05
N HIS B 274 -15.70 -5.27 18.35
CA HIS B 274 -14.98 -6.47 18.79
C HIS B 274 -15.82 -7.66 18.43
N ALA B 275 -17.12 -7.54 18.67
CA ALA B 275 -18.03 -8.62 18.42
C ALA B 275 -17.97 -9.11 16.98
N LEU B 276 -18.15 -8.18 16.06
CA LEU B 276 -18.16 -8.51 14.67
C LEU B 276 -16.81 -9.08 14.24
N ALA B 277 -15.75 -8.65 14.91
CA ALA B 277 -14.41 -9.13 14.58
C ALA B 277 -14.32 -10.61 14.93
N ILE B 278 -14.95 -10.95 16.04
CA ILE B 278 -14.96 -12.31 16.52
C ILE B 278 -15.83 -13.12 15.55
N ALA B 279 -17.06 -12.63 15.30
CA ALA B 279 -17.96 -13.29 14.35
C ALA B 279 -17.17 -13.66 13.05
N ARG B 280 -16.23 -12.79 12.65
CA ARG B 280 -15.43 -13.09 11.48
C ARG B 280 -14.49 -14.29 11.73
N ARG B 281 -13.86 -14.34 12.91
CA ARG B 281 -13.00 -15.46 13.23
C ARG B 281 -13.83 -16.74 13.23
N CYS B 282 -15.12 -16.61 13.54
CA CYS B 282 -15.96 -17.78 13.57
C CYS B 282 -16.07 -18.37 12.19
N VAL B 283 -16.47 -17.56 11.22
CA VAL B 283 -16.62 -18.01 9.85
C VAL B 283 -15.27 -18.45 9.31
N ALA B 284 -14.23 -17.88 9.87
CA ALA B 284 -12.89 -18.22 9.44
C ALA B 284 -12.57 -19.68 9.71
N ASN B 285 -13.26 -20.29 10.66
CA ASN B 285 -12.98 -21.69 10.94
C ASN B 285 -14.09 -22.69 10.56
N LEU B 286 -14.83 -22.39 9.49
CA LEU B 286 -15.89 -23.26 9.03
C LEU B 286 -15.39 -24.39 8.13
N ASN B 287 -14.13 -24.30 7.68
CA ASN B 287 -13.57 -25.36 6.84
C ASN B 287 -14.53 -25.68 5.72
N TRP B 288 -15.07 -24.62 5.17
CA TRP B 288 -16.09 -24.68 4.14
C TRP B 288 -15.68 -24.96 2.71
N ARG B 289 -16.45 -25.81 2.06
CA ARG B 289 -16.25 -26.16 0.66
C ARG B 289 -17.63 -26.10 0.03
N LYS B 290 -17.72 -25.47 -1.15
CA LYS B 290 -18.99 -25.35 -1.87
C LYS B 290 -19.18 -26.66 -2.57
N GLN B 291 -20.45 -26.99 -2.76
CA GLN B 291 -20.77 -28.25 -3.34
C GLN B 291 -21.37 -28.23 -4.72
N GLY B 292 -21.67 -27.04 -5.23
CA GLY B 292 -22.27 -26.99 -6.55
C GLY B 292 -21.27 -27.28 -7.66
N GLN B 293 -21.57 -28.25 -8.51
CA GLN B 293 -20.67 -28.54 -9.61
C GLN B 293 -21.22 -28.01 -10.92
N LEU B 294 -20.37 -27.36 -11.71
CA LEU B 294 -20.73 -26.76 -13.00
C LEU B 294 -19.51 -26.50 -13.85
N GLN B 295 -19.72 -26.43 -15.16
CA GLN B 295 -18.65 -26.11 -16.11
C GLN B 295 -18.69 -24.60 -16.21
N CYS B 296 -18.01 -23.93 -15.31
CA CYS B 296 -17.97 -22.48 -15.29
C CYS B 296 -16.95 -22.07 -16.34
N ARG B 297 -17.17 -20.96 -17.05
CA ARG B 297 -16.23 -20.46 -18.07
C ARG B 297 -15.76 -19.12 -17.52
N ALA B 298 -14.71 -18.53 -18.06
CA ALA B 298 -14.34 -17.23 -17.51
C ALA B 298 -15.43 -16.30 -18.06
N PRO B 299 -15.89 -15.36 -17.22
CA PRO B 299 -16.92 -14.34 -17.51
C PRO B 299 -16.62 -13.54 -18.76
N ARG B 300 -17.65 -13.10 -19.48
CA ARG B 300 -17.49 -12.27 -20.68
C ARG B 300 -18.67 -11.35 -20.66
N ALA B 301 -18.43 -10.06 -20.85
CA ALA B 301 -19.53 -9.10 -20.81
C ALA B 301 -20.48 -9.18 -22.00
N PRO B 302 -21.69 -8.65 -21.81
CA PRO B 302 -22.71 -8.62 -22.87
C PRO B 302 -22.27 -7.54 -23.89
N LEU B 303 -22.60 -7.73 -25.17
CA LEU B 303 -22.25 -6.77 -26.21
C LEU B 303 -22.79 -5.36 -26.01
N TYR B 304 -23.99 -5.24 -25.43
CA TYR B 304 -24.61 -3.94 -25.19
C TYR B 304 -24.63 -3.57 -23.73
N PRO B 305 -24.63 -2.27 -23.43
CA PRO B 305 -24.64 -1.71 -22.07
C PRO B 305 -25.86 -2.07 -21.25
N ALA B 306 -25.64 -2.21 -19.95
CA ALA B 306 -26.70 -2.55 -19.02
C ALA B 306 -27.92 -1.62 -19.12
N GLU B 307 -27.68 -0.32 -18.96
CA GLU B 307 -28.70 0.73 -18.98
C GLU B 307 -29.67 0.69 -20.16
N GLU B 308 -29.18 0.22 -21.31
CA GLU B 308 -30.02 0.14 -22.49
C GLU B 308 -31.28 -0.66 -22.18
N LEU B 309 -31.24 -1.45 -21.12
CA LEU B 309 -32.41 -2.23 -20.77
C LEU B 309 -33.58 -1.30 -20.46
N TYR B 310 -33.29 -0.09 -19.93
CA TYR B 310 -34.37 0.84 -19.61
C TYR B 310 -35.16 1.19 -20.87
N GLY B 311 -34.45 1.41 -21.98
CA GLY B 311 -35.12 1.74 -23.23
C GLY B 311 -35.88 0.61 -23.91
N VAL B 312 -35.40 -0.61 -23.73
CA VAL B 312 -36.01 -1.80 -24.32
C VAL B 312 -37.48 -2.01 -23.92
N ILE B 313 -37.76 -1.91 -22.63
CA ILE B 313 -39.11 -2.12 -22.16
C ILE B 313 -40.08 -1.04 -22.61
N PRO B 314 -40.99 -1.39 -23.53
CA PRO B 314 -41.96 -0.41 -24.00
C PRO B 314 -42.55 0.30 -22.80
N ALA B 315 -42.80 1.61 -22.94
CA ALA B 315 -43.38 2.39 -21.85
C ALA B 315 -44.83 1.97 -21.65
N ASP B 316 -45.45 1.46 -22.71
CA ASP B 316 -46.83 1.01 -22.69
C ASP B 316 -46.87 -0.50 -22.50
N SER B 317 -47.69 -0.98 -21.56
CA SER B 317 -47.81 -2.41 -21.29
C SER B 317 -48.18 -3.19 -22.55
N LYS B 318 -49.20 -2.72 -23.26
CA LYS B 318 -49.66 -3.36 -24.48
C LYS B 318 -48.54 -3.57 -25.52
N GLN B 319 -48.02 -2.47 -26.05
CA GLN B 319 -46.93 -2.45 -27.06
C GLN B 319 -45.93 -3.62 -26.97
N PRO B 320 -46.11 -4.69 -27.77
CA PRO B 320 -45.23 -5.87 -27.77
C PRO B 320 -43.80 -5.60 -28.17
N TYR B 321 -42.89 -6.32 -27.50
CA TYR B 321 -41.46 -6.23 -27.78
C TYR B 321 -40.84 -7.62 -27.74
N ASP B 322 -39.62 -7.72 -28.26
CA ASP B 322 -38.90 -8.98 -28.31
C ASP B 322 -38.06 -9.10 -27.04
N VAL B 323 -38.38 -10.10 -26.23
CA VAL B 323 -37.67 -10.29 -24.97
C VAL B 323 -36.21 -10.65 -25.23
N ARG B 324 -35.94 -11.11 -26.45
CA ARG B 324 -34.59 -11.45 -26.81
C ARG B 324 -33.66 -10.25 -26.64
N GLU B 325 -34.21 -9.05 -26.66
CA GLU B 325 -33.37 -7.86 -26.52
C GLU B 325 -33.02 -7.73 -25.06
N VAL B 326 -33.82 -8.34 -24.20
CA VAL B 326 -33.51 -8.29 -22.78
C VAL B 326 -32.42 -9.33 -22.51
N ILE B 327 -32.58 -10.54 -23.06
CA ILE B 327 -31.57 -11.57 -22.87
C ILE B 327 -30.21 -11.08 -23.37
N ALA B 328 -30.19 -10.51 -24.57
CA ALA B 328 -28.95 -10.05 -25.17
C ALA B 328 -28.14 -9.14 -24.28
N ARG B 329 -28.81 -8.45 -23.37
CA ARG B 329 -28.09 -7.53 -22.50
C ARG B 329 -27.84 -8.11 -21.11
N LEU B 330 -28.01 -9.42 -20.96
CA LEU B 330 -27.76 -10.05 -19.67
C LEU B 330 -26.69 -11.12 -19.83
N VAL B 331 -26.84 -11.98 -20.83
CA VAL B 331 -25.91 -13.08 -21.03
C VAL B 331 -24.54 -12.74 -21.57
N ASP B 332 -23.57 -13.59 -21.23
CA ASP B 332 -22.17 -13.43 -21.64
C ASP B 332 -21.99 -13.39 -23.12
N GLY B 333 -21.19 -12.44 -23.58
CA GLY B 333 -20.94 -12.29 -25.00
C GLY B 333 -22.19 -12.13 -25.87
N SER B 334 -23.34 -11.95 -25.22
CA SER B 334 -24.63 -11.79 -25.88
C SER B 334 -24.98 -12.99 -26.73
N GLU B 335 -24.31 -14.12 -26.49
CA GLU B 335 -24.60 -15.34 -27.24
C GLU B 335 -25.76 -16.11 -26.56
N PHE B 336 -26.83 -16.31 -27.32
CA PHE B 336 -28.00 -17.02 -26.85
C PHE B 336 -28.30 -18.09 -27.90
N ASP B 337 -28.26 -19.36 -27.53
CA ASP B 337 -28.56 -20.40 -28.51
C ASP B 337 -30.01 -20.77 -28.27
N GLU B 338 -30.90 -20.28 -29.14
CA GLU B 338 -32.34 -20.50 -29.01
C GLU B 338 -32.77 -21.90 -29.37
N PHE B 339 -33.74 -22.44 -28.65
CA PHE B 339 -34.24 -23.80 -28.89
C PHE B 339 -35.65 -23.73 -29.50
N LYS B 340 -35.84 -24.35 -30.66
CA LYS B 340 -37.15 -24.33 -31.36
C LYS B 340 -37.65 -22.89 -31.52
N ALA B 341 -36.86 -22.09 -32.22
CA ALA B 341 -37.17 -20.69 -32.45
C ALA B 341 -38.47 -20.47 -33.23
N LEU B 342 -38.83 -21.43 -34.07
CA LEU B 342 -40.03 -21.27 -34.86
C LEU B 342 -41.28 -21.95 -34.33
N PHE B 343 -41.15 -22.62 -33.19
CA PHE B 343 -42.26 -23.34 -32.58
C PHE B 343 -42.53 -22.59 -31.27
N GLY B 344 -43.79 -22.49 -30.87
CA GLY B 344 -44.14 -21.81 -29.62
C GLY B 344 -43.37 -20.51 -29.43
N THR B 345 -43.43 -19.68 -30.44
CA THR B 345 -42.74 -18.41 -30.45
C THR B 345 -43.14 -17.49 -29.30
N THR B 346 -44.12 -17.93 -28.52
CA THR B 346 -44.61 -17.12 -27.38
C THR B 346 -43.69 -17.34 -26.19
N LEU B 347 -42.93 -18.42 -26.23
CA LEU B 347 -42.00 -18.72 -25.16
C LEU B 347 -40.63 -18.84 -25.72
N VAL B 348 -39.78 -17.86 -25.45
CA VAL B 348 -38.40 -17.94 -25.95
C VAL B 348 -37.58 -18.86 -25.03
N CYS B 349 -36.84 -19.80 -25.61
CA CYS B 349 -36.03 -20.73 -24.82
C CYS B 349 -34.65 -20.94 -25.38
N GLY B 350 -33.64 -20.85 -24.53
CA GLY B 350 -32.31 -21.09 -25.05
C GLY B 350 -31.28 -21.24 -23.97
N PHE B 351 -30.08 -21.59 -24.38
CA PHE B 351 -28.97 -21.76 -23.47
C PHE B 351 -28.09 -20.55 -23.56
N ALA B 352 -27.27 -20.36 -22.55
CA ALA B 352 -26.33 -19.23 -22.55
C ALA B 352 -25.42 -19.39 -21.33
N HIS B 353 -24.62 -18.35 -21.05
CA HIS B 353 -23.73 -18.30 -19.90
C HIS B 353 -23.92 -16.91 -19.31
N LEU B 354 -23.73 -16.79 -18.00
CA LEU B 354 -23.86 -15.51 -17.31
C LEU B 354 -22.79 -15.60 -16.24
N HIS B 355 -21.81 -14.71 -16.34
CA HIS B 355 -20.64 -14.66 -15.47
C HIS B 355 -19.90 -16.01 -15.49
N GLY B 356 -19.91 -16.62 -16.69
CA GLY B 356 -19.27 -17.91 -16.90
C GLY B 356 -20.17 -19.07 -16.50
N TYR B 357 -21.27 -18.77 -15.81
CA TYR B 357 -22.18 -19.85 -15.38
C TYR B 357 -23.19 -20.19 -16.45
N PRO B 358 -23.21 -21.45 -16.88
CA PRO B 358 -24.16 -21.87 -17.90
C PRO B 358 -25.61 -21.87 -17.38
N ILE B 359 -26.53 -21.25 -18.11
CA ILE B 359 -27.95 -21.21 -17.72
C ILE B 359 -28.89 -21.53 -18.89
N ALA B 360 -30.10 -21.96 -18.56
CA ALA B 360 -31.08 -22.30 -19.56
C ALA B 360 -32.17 -21.31 -19.30
N ILE B 361 -32.45 -20.47 -20.28
CA ILE B 361 -33.47 -19.47 -20.10
C ILE B 361 -34.83 -19.79 -20.69
N LEU B 362 -35.85 -19.21 -20.07
CA LEU B 362 -37.21 -19.31 -20.54
C LEU B 362 -37.83 -17.95 -20.26
N ALA B 363 -38.13 -17.21 -21.32
CA ALA B 363 -38.74 -15.92 -21.14
C ALA B 363 -40.03 -15.87 -21.89
N ASN B 364 -41.02 -15.27 -21.24
CA ASN B 364 -42.36 -15.08 -21.78
C ASN B 364 -42.31 -14.07 -22.90
N ASN B 365 -42.95 -14.38 -24.02
CA ASN B 365 -42.99 -13.42 -25.12
C ASN B 365 -44.40 -13.43 -25.70
N GLY B 366 -45.38 -13.33 -24.81
CA GLY B 366 -46.75 -13.37 -25.22
C GLY B 366 -47.59 -14.24 -24.31
N ILE B 367 -48.61 -14.84 -24.89
CA ILE B 367 -49.52 -15.69 -24.13
C ILE B 367 -49.07 -17.14 -24.28
N LEU B 368 -49.12 -17.87 -23.18
CA LEU B 368 -48.65 -19.23 -23.25
C LEU B 368 -49.64 -20.15 -23.98
N PHE B 369 -49.26 -20.70 -25.13
CA PHE B 369 -50.13 -21.62 -25.85
C PHE B 369 -49.61 -23.04 -25.80
N ALA B 370 -50.39 -24.00 -26.30
CA ALA B 370 -49.98 -25.39 -26.31
C ALA B 370 -48.57 -25.68 -26.75
N GLU B 371 -48.25 -25.31 -27.99
CA GLU B 371 -46.92 -25.57 -28.53
C GLU B 371 -45.85 -25.03 -27.61
N ALA B 372 -46.12 -23.86 -27.01
CA ALA B 372 -45.17 -23.22 -26.08
C ALA B 372 -44.96 -24.08 -24.83
N ALA B 373 -46.05 -24.52 -24.23
CA ALA B 373 -45.98 -25.39 -23.07
C ALA B 373 -45.09 -26.57 -23.44
N GLN B 374 -45.37 -27.25 -24.56
CA GLN B 374 -44.53 -28.38 -24.96
C GLN B 374 -43.05 -27.95 -25.12
N LYS B 375 -42.82 -26.98 -26.01
CA LYS B 375 -41.49 -26.45 -26.25
C LYS B 375 -40.84 -26.40 -24.86
N GLY B 376 -41.42 -25.59 -23.96
CA GLY B 376 -40.89 -25.41 -22.61
C GLY B 376 -40.58 -26.65 -21.76
N ALA B 377 -41.50 -27.61 -21.77
CA ALA B 377 -41.27 -28.80 -21.00
C ALA B 377 -40.05 -29.57 -21.57
N HIS B 378 -39.97 -29.67 -22.89
CA HIS B 378 -38.86 -30.35 -23.54
C HIS B 378 -37.56 -29.67 -23.15
N PHE B 379 -37.54 -28.35 -23.24
CA PHE B 379 -36.35 -27.61 -22.91
C PHE B 379 -35.90 -27.87 -21.46
N ILE B 380 -36.83 -27.80 -20.51
CA ILE B 380 -36.44 -28.03 -19.12
C ILE B 380 -35.94 -29.45 -18.92
N GLU B 381 -36.51 -30.38 -19.69
CA GLU B 381 -36.08 -31.78 -19.64
C GLU B 381 -34.57 -31.78 -20.00
N LEU B 382 -34.21 -31.05 -21.06
CA LEU B 382 -32.81 -30.95 -21.45
C LEU B 382 -31.94 -30.41 -20.34
N ALA B 383 -32.31 -29.25 -19.80
CA ALA B 383 -31.54 -28.61 -18.75
C ALA B 383 -31.29 -29.50 -17.53
N CYS B 384 -32.31 -30.23 -17.11
CA CYS B 384 -32.16 -31.07 -15.97
C CYS B 384 -31.26 -32.21 -16.29
N GLN B 385 -31.31 -32.67 -17.52
CA GLN B 385 -30.48 -33.80 -17.91
C GLN B 385 -29.02 -33.45 -17.70
N ARG B 386 -28.70 -32.21 -18.07
CA ARG B 386 -27.37 -31.68 -18.04
C ARG B 386 -26.97 -30.97 -16.78
N GLY B 387 -27.91 -30.77 -15.87
CA GLY B 387 -27.58 -30.12 -14.62
C GLY B 387 -27.27 -28.65 -14.73
N ILE B 388 -28.01 -27.98 -15.61
CA ILE B 388 -27.86 -26.56 -15.86
C ILE B 388 -28.93 -25.76 -15.14
N PRO B 389 -28.52 -24.66 -14.46
CA PRO B 389 -29.48 -23.81 -13.74
C PRO B 389 -30.51 -23.23 -14.69
N LEU B 390 -31.71 -22.94 -14.16
CA LEU B 390 -32.79 -22.37 -14.96
C LEU B 390 -33.04 -20.89 -14.68
N LEU B 391 -33.23 -20.11 -15.75
CA LEU B 391 -33.52 -18.71 -15.62
C LEU B 391 -34.90 -18.44 -16.20
N PHE B 392 -35.79 -17.96 -15.36
CA PHE B 392 -37.13 -17.65 -15.81
C PHE B 392 -37.25 -16.13 -15.87
N LEU B 393 -37.52 -15.63 -17.08
CA LEU B 393 -37.74 -14.19 -17.29
C LEU B 393 -39.24 -14.11 -17.55
N GLN B 394 -39.98 -13.83 -16.48
CA GLN B 394 -41.42 -13.78 -16.49
C GLN B 394 -42.03 -12.41 -16.67
N ASN B 395 -42.99 -12.36 -17.58
CA ASN B 395 -43.73 -11.16 -17.90
C ASN B 395 -45.02 -11.79 -18.37
N ILE B 396 -45.90 -12.11 -17.44
CA ILE B 396 -47.12 -12.78 -17.89
C ILE B 396 -48.27 -11.85 -18.35
N THR B 397 -48.40 -11.75 -19.69
CA THR B 397 -49.43 -10.93 -20.35
C THR B 397 -50.79 -11.60 -20.08
N GLY B 398 -50.87 -12.88 -20.46
CA GLY B 398 -52.07 -13.67 -20.26
C GLY B 398 -51.82 -15.12 -20.60
N GLY B 409 -58.27 -29.35 -23.49
CA GLY B 409 -57.80 -28.51 -24.57
C GLY B 409 -56.42 -27.92 -24.30
N ILE B 410 -56.41 -26.76 -23.64
CA ILE B 410 -55.15 -26.10 -23.31
C ILE B 410 -54.35 -26.80 -22.20
N ALA B 411 -54.94 -26.86 -21.00
CA ALA B 411 -54.31 -27.46 -19.83
C ALA B 411 -53.63 -28.81 -20.07
N LYS B 412 -54.07 -29.54 -21.08
CA LYS B 412 -53.46 -30.81 -21.39
C LYS B 412 -51.95 -30.67 -21.58
N HIS B 413 -51.54 -29.57 -22.19
CA HIS B 413 -50.13 -29.34 -22.47
C HIS B 413 -49.52 -28.48 -21.42
N GLY B 414 -50.27 -27.50 -20.94
CA GLY B 414 -49.74 -26.66 -19.88
C GLY B 414 -49.28 -27.60 -18.76
N ALA B 415 -49.96 -28.72 -18.57
CA ALA B 415 -49.58 -29.68 -17.52
C ALA B 415 -48.10 -30.02 -17.62
N LYS B 416 -47.69 -30.47 -18.81
CA LYS B 416 -46.31 -30.85 -19.06
C LYS B 416 -45.33 -29.80 -18.57
N LEU B 417 -45.64 -28.54 -18.86
CA LEU B 417 -44.76 -27.46 -18.47
C LEU B 417 -44.74 -27.36 -16.93
N VAL B 418 -45.92 -27.42 -16.35
CA VAL B 418 -46.03 -27.36 -14.93
C VAL B 418 -45.12 -28.41 -14.30
N THR B 419 -45.34 -29.66 -14.67
CA THR B 419 -44.56 -30.77 -14.16
C THR B 419 -43.06 -30.59 -14.35
N ALA B 420 -42.68 -30.07 -15.51
CA ALA B 420 -41.29 -29.89 -15.76
C ALA B 420 -40.78 -28.84 -14.77
N VAL B 421 -41.49 -27.72 -14.70
CA VAL B 421 -41.07 -26.62 -13.84
C VAL B 421 -41.11 -26.92 -12.34
N ALA B 422 -42.10 -27.73 -11.95
CA ALA B 422 -42.31 -28.12 -10.58
C ALA B 422 -41.26 -29.08 -10.09
N CYS B 423 -41.01 -30.13 -10.89
CA CYS B 423 -40.03 -31.15 -10.55
C CYS B 423 -38.58 -30.81 -10.82
N ALA B 424 -38.30 -29.94 -11.78
CA ALA B 424 -36.90 -29.59 -12.10
C ALA B 424 -36.15 -29.31 -10.80
N ARG B 425 -35.06 -30.04 -10.56
CA ARG B 425 -34.29 -29.86 -9.31
C ARG B 425 -33.03 -29.02 -9.37
N VAL B 426 -32.70 -28.46 -10.52
CA VAL B 426 -31.52 -27.62 -10.59
C VAL B 426 -31.97 -26.32 -9.96
N PRO B 427 -31.02 -25.45 -9.60
CA PRO B 427 -31.44 -24.18 -9.00
C PRO B 427 -32.25 -23.39 -10.05
N LYS B 428 -33.30 -22.71 -9.62
CA LYS B 428 -34.14 -21.90 -10.51
C LYS B 428 -34.16 -20.48 -9.98
N PHE B 429 -34.16 -19.54 -10.91
CA PHE B 429 -34.16 -18.13 -10.56
C PHE B 429 -35.26 -17.48 -11.39
N THR B 430 -35.98 -16.54 -10.81
CA THR B 430 -37.06 -15.89 -11.53
C THR B 430 -37.04 -14.39 -11.35
N VAL B 431 -37.24 -13.70 -12.46
CA VAL B 431 -37.29 -12.25 -12.45
C VAL B 431 -38.58 -11.83 -13.19
N LEU B 432 -39.43 -11.01 -12.57
CA LEU B 432 -40.64 -10.57 -13.22
C LEU B 432 -40.23 -9.27 -13.87
N ILE B 433 -40.36 -9.23 -15.19
CA ILE B 433 -39.97 -8.05 -15.96
C ILE B 433 -41.15 -7.40 -16.67
N GLY B 434 -42.33 -7.99 -16.52
CA GLY B 434 -43.53 -7.47 -17.16
C GLY B 434 -44.74 -7.48 -16.26
N GLY B 435 -45.85 -8.06 -16.72
CA GLY B 435 -47.05 -8.11 -15.91
C GLY B 435 -47.49 -9.54 -15.58
N GLY B 443 -50.23 -22.47 -17.26
CA GLY B 443 -49.88 -21.29 -16.49
C GLY B 443 -48.39 -21.18 -16.19
N MET B 444 -48.05 -20.98 -14.91
CA MET B 444 -46.67 -20.85 -14.37
C MET B 444 -46.77 -20.05 -13.04
N CYS B 445 -46.20 -18.84 -13.03
CA CYS B 445 -46.20 -17.91 -11.88
C CYS B 445 -45.16 -18.06 -10.78
N GLY B 446 -44.82 -16.91 -10.20
CA GLY B 446 -43.81 -16.75 -9.17
C GLY B 446 -43.48 -17.73 -8.06
N ARG B 447 -43.79 -17.35 -6.84
CA ARG B 447 -43.47 -18.17 -5.68
C ARG B 447 -44.09 -19.58 -5.71
N ALA B 448 -44.93 -19.82 -6.72
CA ALA B 448 -45.59 -21.11 -6.88
C ALA B 448 -44.62 -22.29 -7.14
N TYR B 449 -43.50 -22.03 -7.82
CA TYR B 449 -42.55 -23.10 -8.12
C TYR B 449 -41.28 -23.15 -7.32
N ASP B 450 -41.26 -22.36 -6.26
CA ASP B 450 -40.11 -22.32 -5.39
C ASP B 450 -38.74 -22.20 -6.08
N PRO B 451 -38.48 -21.04 -6.67
CA PRO B 451 -37.21 -20.78 -7.36
C PRO B 451 -36.24 -20.34 -6.24
N ARG B 452 -34.93 -20.45 -6.42
CA ARG B 452 -34.10 -20.06 -5.29
C ARG B 452 -34.40 -18.66 -4.87
N PHE B 453 -34.58 -17.78 -5.83
CA PHE B 453 -34.89 -16.40 -5.55
C PHE B 453 -35.93 -15.96 -6.55
N LEU B 454 -36.58 -14.84 -6.25
CA LEU B 454 -37.59 -14.28 -7.14
C LEU B 454 -37.49 -12.76 -7.08
N TRP B 455 -37.08 -12.12 -8.17
CA TRP B 455 -36.99 -10.66 -8.16
C TRP B 455 -37.94 -10.02 -9.14
N MET B 456 -38.27 -8.76 -8.85
CA MET B 456 -39.17 -8.02 -9.71
C MET B 456 -38.57 -6.72 -10.18
N TRP B 457 -38.83 -6.41 -11.46
CA TRP B 457 -38.40 -5.16 -12.06
C TRP B 457 -39.52 -4.20 -11.65
N PRO B 458 -39.21 -2.91 -11.50
CA PRO B 458 -40.17 -1.87 -11.11
C PRO B 458 -41.36 -1.72 -12.07
N ASN B 459 -41.07 -1.83 -13.36
CA ASN B 459 -42.11 -1.70 -14.35
C ASN B 459 -43.22 -2.75 -14.23
N ALA B 460 -43.00 -3.77 -13.41
CA ALA B 460 -43.98 -4.85 -13.26
C ALA B 460 -45.18 -4.53 -12.35
N ARG B 461 -46.32 -5.18 -12.63
CA ARG B 461 -47.56 -5.01 -11.85
C ARG B 461 -48.08 -6.34 -11.32
N HIS B 507 -53.68 -0.27 -7.75
CA HIS B 507 -52.69 -0.16 -6.69
C HIS B 507 -52.24 -1.51 -6.12
N GLN B 508 -53.21 -2.36 -5.81
CA GLN B 508 -52.94 -3.67 -5.23
C GLN B 508 -52.19 -4.64 -6.14
N GLY B 509 -51.42 -4.11 -7.10
CA GLY B 509 -50.67 -4.95 -8.02
C GLY B 509 -49.26 -4.41 -8.22
N HIS B 510 -49.01 -3.32 -7.52
CA HIS B 510 -47.73 -2.60 -7.53
C HIS B 510 -46.65 -3.52 -6.97
N PRO B 511 -45.44 -3.48 -7.57
CA PRO B 511 -44.35 -4.33 -7.09
C PRO B 511 -44.18 -4.09 -5.59
N TYR B 512 -44.34 -2.83 -5.18
CA TYR B 512 -44.22 -2.47 -3.79
C TYR B 512 -45.24 -3.24 -3.00
N TYR B 513 -46.42 -3.42 -3.56
CA TYR B 513 -47.42 -4.14 -2.79
C TYR B 513 -46.86 -5.49 -2.38
N SER B 514 -46.59 -6.35 -3.36
CA SER B 514 -46.04 -7.69 -3.13
C SER B 514 -44.68 -7.69 -2.39
N SER B 515 -43.71 -6.99 -2.97
CA SER B 515 -42.40 -6.89 -2.40
C SER B 515 -42.51 -6.56 -0.93
N ALA B 516 -43.50 -5.75 -0.56
CA ALA B 516 -43.66 -5.36 0.83
C ALA B 516 -44.22 -6.47 1.71
N ARG B 517 -44.82 -7.47 1.08
CA ARG B 517 -45.40 -8.58 1.79
C ARG B 517 -44.62 -9.87 1.52
N LEU B 518 -43.34 -9.74 1.18
CA LEU B 518 -42.48 -10.88 0.88
C LEU B 518 -42.94 -11.85 -0.20
N TRP B 519 -43.74 -11.39 -1.14
CA TRP B 519 -44.19 -12.26 -2.23
C TRP B 519 -43.06 -12.48 -3.20
N ASP B 520 -41.98 -11.74 -2.98
CA ASP B 520 -40.74 -11.82 -3.77
C ASP B 520 -39.58 -11.34 -2.89
N ASP B 521 -38.36 -11.46 -3.39
CA ASP B 521 -37.19 -11.04 -2.63
C ASP B 521 -36.70 -9.60 -2.87
N GLY B 522 -37.53 -8.82 -3.52
CA GLY B 522 -37.15 -7.44 -3.73
C GLY B 522 -37.30 -6.98 -5.15
N VAL B 523 -37.34 -5.66 -5.26
CA VAL B 523 -37.46 -4.98 -6.55
C VAL B 523 -36.00 -4.61 -6.87
N ILE B 524 -35.57 -4.93 -8.09
CA ILE B 524 -34.19 -4.63 -8.44
C ILE B 524 -34.04 -3.73 -9.64
N ASP B 525 -32.87 -3.15 -9.79
CA ASP B 525 -32.63 -2.24 -10.90
C ASP B 525 -32.44 -3.03 -12.20
N PRO B 526 -33.29 -2.78 -13.21
CA PRO B 526 -33.07 -3.55 -14.44
C PRO B 526 -31.63 -3.55 -14.89
N ALA B 527 -30.97 -2.40 -14.83
CA ALA B 527 -29.58 -2.36 -15.25
C ALA B 527 -28.63 -3.20 -14.38
N GLN B 528 -29.14 -3.85 -13.34
CA GLN B 528 -28.29 -4.68 -12.49
C GLN B 528 -28.67 -6.17 -12.51
N THR B 529 -29.75 -6.50 -13.20
CA THR B 529 -30.21 -7.87 -13.24
C THR B 529 -29.06 -8.86 -13.49
N ARG B 530 -28.18 -8.56 -14.44
CA ARG B 530 -27.09 -9.49 -14.71
C ARG B 530 -26.24 -9.67 -13.47
N GLU B 531 -25.96 -8.58 -12.77
CA GLU B 531 -25.14 -8.70 -11.58
C GLU B 531 -25.86 -9.53 -10.49
N VAL B 532 -27.13 -9.21 -10.26
CA VAL B 532 -27.91 -9.92 -9.24
C VAL B 532 -28.00 -11.39 -9.57
N LEU B 533 -28.41 -11.73 -10.79
CA LEU B 533 -28.50 -13.13 -11.15
C LEU B 533 -27.16 -13.86 -10.97
N ALA B 534 -26.07 -13.13 -11.18
CA ALA B 534 -24.74 -13.68 -11.06
C ALA B 534 -24.43 -14.01 -9.61
N LEU B 535 -24.62 -13.04 -8.71
CA LEU B 535 -24.38 -13.26 -7.28
C LEU B 535 -25.24 -14.41 -6.82
N ALA B 536 -26.51 -14.41 -7.23
CA ALA B 536 -27.43 -15.45 -6.84
C ALA B 536 -26.97 -16.84 -7.28
N LEU B 537 -26.72 -16.98 -8.57
CA LEU B 537 -26.31 -18.25 -9.12
C LEU B 537 -25.15 -18.80 -8.32
N SER B 538 -24.21 -17.92 -8.01
CA SER B 538 -23.05 -18.32 -7.24
C SER B 538 -23.43 -18.67 -5.79
N ALA B 539 -24.32 -17.92 -5.17
CA ALA B 539 -24.69 -18.26 -3.80
C ALA B 539 -25.23 -19.67 -3.87
N ALA B 540 -26.14 -19.88 -4.82
CA ALA B 540 -26.76 -21.18 -5.01
C ALA B 540 -25.75 -22.31 -5.06
N LEU B 541 -24.64 -22.06 -5.74
CA LEU B 541 -23.64 -23.09 -5.88
C LEU B 541 -22.96 -23.59 -4.61
N ASN B 542 -23.33 -23.06 -3.46
CA ASN B 542 -22.74 -23.55 -2.20
C ASN B 542 -23.30 -24.92 -1.96
N ALA B 543 -24.50 -25.10 -2.45
CA ALA B 543 -25.22 -26.35 -2.34
C ALA B 543 -25.02 -27.20 -3.61
N PRO B 544 -25.20 -28.52 -3.49
CA PRO B 544 -25.05 -29.41 -4.65
C PRO B 544 -26.17 -29.17 -5.64
N ILE B 545 -26.08 -29.81 -6.79
CA ILE B 545 -27.12 -29.70 -7.80
C ILE B 545 -27.76 -31.08 -7.97
N GLU B 546 -28.89 -31.29 -7.31
CA GLU B 546 -29.55 -32.58 -7.36
C GLU B 546 -29.97 -33.02 -8.75
N PRO B 547 -30.01 -34.34 -8.96
CA PRO B 547 -30.43 -34.92 -10.24
C PRO B 547 -31.95 -34.80 -10.19
N THR B 548 -32.62 -34.86 -11.34
CA THR B 548 -34.07 -34.70 -11.34
C THR B 548 -34.91 -35.94 -11.60
N ALA B 549 -36.06 -35.99 -10.95
CA ALA B 549 -37.04 -37.05 -11.14
C ALA B 549 -38.33 -36.28 -11.40
N PHE B 550 -38.97 -36.57 -12.53
CA PHE B 550 -40.24 -35.94 -12.93
C PHE B 550 -41.44 -36.82 -12.62
N GLY B 551 -42.60 -36.21 -12.50
CA GLY B 551 -43.77 -37.03 -12.23
C GLY B 551 -44.14 -37.75 -13.51
N VAL B 552 -45.37 -38.24 -13.54
CA VAL B 552 -45.86 -38.86 -14.74
C VAL B 552 -46.29 -37.71 -15.64
N PHE B 553 -45.61 -37.53 -16.78
CA PHE B 553 -45.99 -36.49 -17.74
C PHE B 553 -47.29 -36.92 -18.41
N ARG B 554 -48.31 -36.07 -18.43
CA ARG B 554 -49.54 -36.40 -19.12
C ARG B 554 -49.24 -36.26 -20.62
N MET B 555 -48.90 -37.35 -21.29
CA MET B 555 -48.55 -37.31 -22.71
C MET B 555 -49.66 -36.75 -23.60
#